data_3GLQ
#
_entry.id   3GLQ
#
_cell.length_a   86.900
_cell.length_b   86.900
_cell.length_c   318.200
_cell.angle_alpha   90.00
_cell.angle_beta   90.00
_cell.angle_gamma   90.00
#
_symmetry.space_group_name_H-M   'P 41 21 2'
#
loop_
_entity.id
_entity.type
_entity.pdbx_description
1 polymer Adenosylhomocysteinase
2 non-polymer NICOTINAMIDE-ADENINE-DINUCLEOTIDE
3 non-polymer 2-(6-AMINO-PURIN-9-YL)-5-HYDROXYMETHYL-TETRAHYDRO-FURAN-3,4-DIOL
4 water water
#
_entity_poly.entity_id   1
_entity_poly.type   'polypeptide(L)'
_entity_poly.pdbx_seq_one_letter_code
;MAHHHHHHMGTLEAQTQGPGSMNAAVIDSHSAQDYVVADIALAGWGRKELNIAETEMPGLVQIRDEYKAQQPLKGARIAG
SLHMTIQTGVLIETLKALGADVRWASCNIFSTQDHAAAAIVEAGTPVFAFKGESLDEYWEFSHRIFEWPNGEFANMILDD
GGDATLLLILGSKAEKDRSVIARPTNEEEVALFKSIERHLEIDGSWYSKRLAHIKGVTEETTTGVHRLYQMEKDGRLPFP
AFNVNDSVTKSKFDNLYGCRESLVDGIKRATDVMIAGKIAVVAGYGDVGKGCAQSLRGLGATVWVTEIDPICALQAAMEG
YRVVTMEYAADKADIFVTATGNYHVINHDHMKAMRHNAIVCNIGHFDSEIDVASTRQYQWENIKPQVDHIIFPDGKRVIL
LAEGRLVNLGCATGHPSFVMSNSFTNQTLAQIELFTRGGEYANKVYVLPKHLDEKVARLHLARIGAQLSELSDDQAAYIG
VSKAGPFKPDHYRY
;
_entity_poly.pdbx_strand_id   A,B
#
# COMPACT_ATOMS: atom_id res chain seq x y z
N GLN A 33 24.31 -21.35 35.46
CA GLN A 33 24.21 -21.03 33.97
C GLN A 33 22.97 -20.20 33.64
N ASP A 34 23.15 -18.93 33.31
CA ASP A 34 22.00 -18.03 33.08
C ASP A 34 21.56 -18.04 31.58
N TYR A 35 21.13 -19.22 31.13
CA TYR A 35 20.57 -19.42 29.80
C TYR A 35 20.05 -20.83 29.70
N VAL A 36 19.23 -21.08 28.72
CA VAL A 36 18.81 -22.42 28.38
C VAL A 36 18.79 -22.47 26.88
N VAL A 37 19.71 -23.23 26.28
CA VAL A 37 19.76 -23.43 24.82
C VAL A 37 19.94 -24.91 24.56
N ALA A 38 19.77 -25.34 23.32
CA ALA A 38 19.87 -26.75 22.94
C ALA A 38 21.32 -27.24 23.12
N ASP A 39 22.25 -26.42 22.64
CA ASP A 39 23.64 -26.88 22.55
C ASP A 39 24.60 -25.75 22.29
N ILE A 40 25.38 -25.46 23.33
CA ILE A 40 26.36 -24.38 23.36
C ILE A 40 27.46 -24.63 22.33
N ALA A 41 27.71 -25.89 21.98
CA ALA A 41 28.76 -26.25 20.99
C ALA A 41 28.44 -25.83 19.54
N LEU A 42 27.20 -25.38 19.29
CA LEU A 42 26.80 -24.88 17.98
C LEU A 42 27.23 -23.41 17.81
N ALA A 43 27.90 -22.83 18.81
CA ALA A 43 28.17 -21.39 18.80
C ALA A 43 29.06 -20.97 17.63
N GLY A 44 30.07 -21.77 17.34
CA GLY A 44 31.04 -21.38 16.30
C GLY A 44 30.37 -21.17 14.95
N TRP A 45 29.54 -22.15 14.60
CA TRP A 45 28.67 -22.08 13.43
C TRP A 45 27.76 -20.83 13.41
N GLY A 46 27.05 -20.59 14.50
CA GLY A 46 26.23 -19.39 14.67
C GLY A 46 27.03 -18.11 14.49
N ARG A 47 28.25 -18.09 15.02
CA ARG A 47 29.04 -16.88 14.90
C ARG A 47 29.39 -16.65 13.42
N LYS A 48 29.75 -17.72 12.72
CA LYS A 48 30.09 -17.53 11.29
C LYS A 48 28.91 -17.04 10.46
N GLU A 49 27.69 -17.48 10.81
CA GLU A 49 26.48 -17.00 10.13
C GLU A 49 26.08 -15.62 10.57
N LEU A 50 26.45 -15.26 11.80
CA LEU A 50 26.22 -13.88 12.25
C LEU A 50 27.16 -12.94 11.50
N ASN A 51 28.42 -13.32 11.32
CA ASN A 51 29.34 -12.48 10.49
C ASN A 51 28.78 -12.24 9.09
N ILE A 52 28.32 -13.27 8.43
CA ILE A 52 27.73 -13.13 7.11
C ILE A 52 26.47 -12.23 7.16
N ALA A 53 25.61 -12.47 8.14
CA ALA A 53 24.36 -11.74 8.24
C ALA A 53 24.57 -10.23 8.38
N GLU A 54 25.60 -9.87 9.13
CA GLU A 54 25.94 -8.48 9.29
C GLU A 54 26.16 -7.82 7.93
N THR A 55 26.70 -8.57 6.96
CA THR A 55 26.98 -7.96 5.67
C THR A 55 25.68 -7.93 4.84
N GLU A 56 24.68 -8.63 5.30
CA GLU A 56 23.40 -8.58 4.70
C GLU A 56 22.44 -7.65 5.42
N MET A 57 22.86 -7.04 6.53
CA MET A 57 21.93 -6.21 7.32
C MET A 57 22.50 -4.85 7.50
N PRO A 58 22.57 -4.04 6.44
CA PRO A 58 23.23 -2.75 6.56
C PRO A 58 22.54 -1.72 7.45
N GLY A 59 21.25 -1.86 7.68
CA GLY A 59 20.58 -0.85 8.48
C GLY A 59 21.05 -0.97 9.90
N LEU A 60 21.19 -2.21 10.35
CA LEU A 60 21.67 -2.48 11.70
C LEU A 60 23.15 -2.13 11.83
N VAL A 61 23.99 -2.54 10.90
CA VAL A 61 25.42 -2.07 10.94
C VAL A 61 25.53 -0.54 10.98
N GLN A 62 24.82 0.15 10.09
CA GLN A 62 24.94 1.61 10.09
C GLN A 62 24.39 2.27 11.36
N ILE A 63 23.39 1.65 11.98
CA ILE A 63 22.82 2.23 13.20
C ILE A 63 23.79 2.01 14.31
N ARG A 64 24.46 0.87 14.39
CA ARG A 64 25.48 0.68 15.41
C ARG A 64 26.54 1.77 15.28
N ASP A 65 26.97 2.04 14.05
CA ASP A 65 28.05 3.01 13.84
C ASP A 65 27.59 4.41 14.16
N GLU A 66 26.39 4.76 13.71
CA GLU A 66 25.88 6.11 13.95
C GLU A 66 25.74 6.44 15.43
N TYR A 67 25.24 5.50 16.24
CA TYR A 67 24.92 5.77 17.65
C TYR A 67 25.97 5.22 18.66
N LYS A 68 27.09 4.65 18.19
CA LYS A 68 28.10 4.08 19.08
C LYS A 68 28.61 5.10 20.10
N ALA A 69 28.97 6.30 19.67
CA ALA A 69 29.52 7.29 20.58
C ALA A 69 28.50 7.67 21.65
N GLN A 70 27.26 7.89 21.27
CA GLN A 70 26.21 8.30 22.24
C GLN A 70 25.80 7.22 23.28
N GLN A 71 25.91 5.94 22.94
CA GLN A 71 25.46 4.85 23.79
C GLN A 71 24.06 5.11 24.35
N PRO A 72 23.09 5.37 23.45
CA PRO A 72 21.76 5.81 23.84
C PRO A 72 21.01 4.78 24.69
N LEU A 73 21.38 3.53 24.54
CA LEU A 73 20.75 2.49 25.32
C LEU A 73 21.53 2.09 26.58
N LYS A 74 22.50 2.91 26.97
CA LYS A 74 23.20 2.65 28.23
C LYS A 74 22.19 2.85 29.36
N GLY A 75 22.03 1.82 30.21
CA GLY A 75 21.02 1.83 31.26
C GLY A 75 19.69 1.18 30.85
N ALA A 76 19.57 0.77 29.58
CA ALA A 76 18.41 0.03 29.10
C ALA A 76 18.62 -1.43 29.46
N ARG A 77 17.57 -2.02 30.00
CA ARG A 77 17.61 -3.45 30.28
C ARG A 77 16.44 -4.00 29.50
N ILE A 78 16.74 -4.60 28.34
CA ILE A 78 15.74 -4.96 27.37
C ILE A 78 15.34 -6.40 27.51
N ALA A 79 14.07 -6.67 27.82
CA ALA A 79 13.56 -8.01 27.73
C ALA A 79 12.97 -8.26 26.34
N GLY A 80 13.50 -9.26 25.64
CA GLY A 80 13.04 -9.57 24.28
C GLY A 80 12.33 -10.89 24.10
N SER A 81 11.21 -10.83 23.37
CA SER A 81 10.47 -12.04 23.02
C SER A 81 10.24 -11.99 21.53
N LEU A 82 11.07 -12.74 20.80
CA LEU A 82 11.18 -12.65 19.35
C LEU A 82 12.00 -13.83 18.82
N HIS A 83 11.45 -14.52 17.85
CA HIS A 83 12.15 -15.64 17.21
C HIS A 83 13.67 -15.50 17.27
N MET A 84 14.31 -16.47 17.92
CA MET A 84 15.75 -16.46 18.18
C MET A 84 16.49 -17.08 17.00
N THR A 85 16.67 -16.22 15.97
CA THR A 85 17.24 -16.57 14.69
C THR A 85 18.58 -15.83 14.58
N ILE A 86 19.33 -16.13 13.53
CA ILE A 86 20.59 -15.39 13.22
C ILE A 86 20.27 -13.91 13.09
N GLN A 87 19.14 -13.64 12.44
CA GLN A 87 18.74 -12.29 12.27
C GLN A 87 18.47 -11.58 13.61
N THR A 88 17.78 -12.23 14.54
CA THR A 88 17.49 -11.60 15.82
C THR A 88 18.79 -11.44 16.57
N GLY A 89 19.70 -12.36 16.31
CA GLY A 89 21.04 -12.26 16.86
C GLY A 89 21.73 -10.97 16.50
N VAL A 90 21.69 -10.59 15.23
CA VAL A 90 22.32 -9.28 14.85
C VAL A 90 21.63 -8.12 15.57
N LEU A 91 20.30 -8.23 15.74
CA LEU A 91 19.54 -7.18 16.46
C LEU A 91 20.01 -7.09 17.91
N ILE A 92 20.15 -8.24 18.55
CA ILE A 92 20.52 -8.27 19.94
C ILE A 92 21.85 -7.59 20.06
N GLU A 93 22.78 -7.94 19.19
CA GLU A 93 24.12 -7.38 19.34
C GLU A 93 24.18 -5.95 18.94
N THR A 94 23.26 -5.50 18.10
CA THR A 94 23.16 -4.07 17.82
C THR A 94 22.70 -3.32 19.07
N LEU A 95 21.73 -3.91 19.75
CA LEU A 95 21.21 -3.26 20.94
C LEU A 95 22.35 -3.19 21.96
N LYS A 96 23.11 -4.26 22.10
CA LYS A 96 24.22 -4.28 23.08
C LYS A 96 25.35 -3.33 22.69
N ALA A 97 25.58 -3.15 21.38
CA ALA A 97 26.64 -2.28 20.93
C ALA A 97 26.27 -0.87 21.23
N LEU A 98 24.97 -0.58 21.38
CA LEU A 98 24.53 0.81 21.74
C LEU A 98 24.34 1.00 23.29
N GLY A 99 24.70 -0.02 24.07
CA GLY A 99 24.70 0.09 25.52
C GLY A 99 23.69 -0.76 26.29
N ALA A 100 22.77 -1.39 25.59
CA ALA A 100 21.70 -2.09 26.27
C ALA A 100 22.24 -3.37 26.89
N ASP A 101 21.61 -3.75 27.97
CA ASP A 101 21.83 -5.04 28.61
C ASP A 101 20.57 -5.79 28.19
N VAL A 102 20.68 -7.08 27.84
CA VAL A 102 19.60 -7.79 27.21
C VAL A 102 19.41 -9.18 27.75
N ARG A 103 18.15 -9.61 27.83
CA ARG A 103 17.81 -11.02 28.05
C ARG A 103 16.76 -11.43 27.04
N TRP A 104 16.85 -12.65 26.50
CA TRP A 104 16.04 -12.99 25.36
C TRP A 104 15.36 -14.33 25.44
N ALA A 105 14.18 -14.39 24.83
CA ALA A 105 13.43 -15.62 24.61
C ALA A 105 12.85 -15.60 23.21
N SER A 106 12.52 -16.75 22.66
CA SER A 106 11.83 -16.79 21.41
C SER A 106 10.34 -16.57 21.63
N CYS A 107 9.67 -16.07 20.59
CA CYS A 107 8.20 -15.88 20.66
C CYS A 107 7.46 -17.02 19.96
N ASN A 108 8.16 -18.14 19.68
CA ASN A 108 7.52 -19.35 19.17
C ASN A 108 8.32 -20.54 19.55
N ILE A 109 7.62 -21.64 19.83
CA ILE A 109 8.32 -22.86 20.28
C ILE A 109 9.20 -23.55 19.21
N PHE A 110 8.96 -23.27 17.94
CA PHE A 110 9.65 -23.94 16.85
C PHE A 110 10.59 -23.05 16.00
N SER A 111 10.66 -21.76 16.31
CA SER A 111 11.34 -20.80 15.44
C SER A 111 12.80 -20.50 15.77
N THR A 112 13.30 -20.97 16.90
CA THR A 112 14.70 -20.78 17.28
C THR A 112 15.65 -21.52 16.35
N GLN A 113 16.71 -20.83 16.00
CA GLN A 113 17.81 -21.47 15.34
C GLN A 113 18.83 -21.65 16.47
N ASP A 114 19.05 -22.90 16.84
CA ASP A 114 19.86 -23.21 18.01
C ASP A 114 21.31 -22.74 17.86
N HIS A 115 21.87 -22.80 16.66
CA HIS A 115 23.20 -22.25 16.50
C HIS A 115 23.18 -20.75 16.76
N ALA A 116 22.11 -20.07 16.39
CA ALA A 116 21.98 -18.67 16.69
C ALA A 116 21.98 -18.43 18.22
N ALA A 117 21.18 -19.19 18.94
CA ALA A 117 21.01 -19.02 20.40
C ALA A 117 22.34 -19.24 21.09
N ALA A 118 23.05 -20.25 20.62
CA ALA A 118 24.34 -20.63 21.19
C ALA A 118 25.36 -19.52 21.01
N ALA A 119 25.50 -19.02 19.79
CA ALA A 119 26.43 -17.95 19.55
C ALA A 119 26.06 -16.69 20.37
N ILE A 120 24.77 -16.40 20.59
CA ILE A 120 24.41 -15.20 21.35
C ILE A 120 24.73 -15.40 22.84
N VAL A 121 24.49 -16.60 23.34
CA VAL A 121 24.89 -16.91 24.72
C VAL A 121 26.42 -16.84 24.93
N GLU A 122 27.15 -17.47 24.03
CA GLU A 122 28.59 -17.51 24.14
C GLU A 122 29.20 -16.12 24.13
N ALA A 123 28.50 -15.13 23.56
CA ALA A 123 28.98 -13.76 23.53
C ALA A 123 28.40 -12.91 24.67
N GLY A 124 27.68 -13.54 25.60
CA GLY A 124 27.37 -12.92 26.89
C GLY A 124 25.93 -12.57 27.23
N THR A 125 25.00 -12.92 26.35
CA THR A 125 23.59 -12.58 26.52
C THR A 125 22.82 -13.82 26.89
N PRO A 126 22.09 -13.77 28.03
CA PRO A 126 21.21 -14.85 28.42
C PRO A 126 20.11 -15.04 27.40
N VAL A 127 19.91 -16.29 26.99
CA VAL A 127 18.90 -16.64 26.03
C VAL A 127 18.19 -17.87 26.53
N PHE A 128 16.87 -17.85 26.45
CA PHE A 128 16.05 -18.95 26.92
C PHE A 128 15.17 -19.41 25.74
N ALA A 129 15.76 -20.26 24.91
CA ALA A 129 15.12 -20.63 23.65
C ALA A 129 15.81 -21.84 23.03
N PHE A 130 15.00 -22.76 22.57
CA PHE A 130 15.49 -23.74 21.65
C PHE A 130 14.37 -24.27 20.79
N LYS A 131 14.73 -24.81 19.63
CA LYS A 131 13.75 -25.31 18.70
C LYS A 131 13.14 -26.54 19.31
N GLY A 132 11.83 -26.52 19.51
CA GLY A 132 11.16 -27.74 19.94
C GLY A 132 10.83 -27.71 21.40
N GLU A 133 10.95 -26.55 22.03
CA GLU A 133 10.69 -26.42 23.44
C GLU A 133 9.22 -26.64 23.63
N SER A 134 8.88 -27.11 24.82
CA SER A 134 7.48 -27.36 25.14
C SER A 134 6.83 -26.01 25.46
N LEU A 135 5.52 -26.01 25.47
CA LEU A 135 4.76 -24.85 25.86
C LEU A 135 4.97 -24.43 27.32
N ASP A 136 5.13 -25.39 28.22
CA ASP A 136 5.52 -25.08 29.59
C ASP A 136 6.91 -24.41 29.64
N GLU A 137 7.84 -24.94 28.85
CA GLU A 137 9.17 -24.33 28.77
C GLU A 137 9.10 -22.91 28.18
N TYR A 138 8.29 -22.75 27.13
CA TYR A 138 8.05 -21.46 26.51
C TYR A 138 7.70 -20.37 27.53
N TRP A 139 6.68 -20.61 28.30
CA TRP A 139 6.21 -19.57 29.24
C TRP A 139 7.14 -19.40 30.42
N GLU A 140 7.87 -20.44 30.78
CA GLU A 140 8.91 -20.31 31.83
C GLU A 140 9.99 -19.41 31.29
N PHE A 141 10.32 -19.57 30.02
CA PHE A 141 11.31 -18.73 29.38
C PHE A 141 10.86 -17.29 29.28
N SER A 142 9.59 -17.06 29.04
CA SER A 142 9.12 -15.68 29.02
C SER A 142 9.19 -15.02 30.42
N HIS A 143 9.22 -15.80 31.52
CA HIS A 143 9.48 -15.22 32.86
C HIS A 143 10.93 -14.95 33.05
N ARG A 144 11.79 -15.84 32.55
CA ARG A 144 13.22 -15.69 32.77
C ARG A 144 13.75 -14.40 32.20
N ILE A 145 13.22 -13.92 31.08
CA ILE A 145 13.66 -12.64 30.49
C ILE A 145 13.37 -11.46 31.39
N PHE A 146 12.57 -11.69 32.44
CA PHE A 146 12.14 -10.66 33.38
C PHE A 146 12.77 -10.89 34.79
N GLU A 147 13.71 -11.82 34.87
CA GLU A 147 14.47 -12.13 36.06
C GLU A 147 15.93 -11.62 35.89
N TRP A 148 16.15 -10.38 36.29
CA TRP A 148 17.46 -9.77 36.19
C TRP A 148 18.18 -9.91 37.51
N PRO A 149 19.49 -10.10 37.48
CA PRO A 149 20.19 -10.30 38.75
C PRO A 149 20.47 -8.99 39.48
N ASN A 150 21.02 -9.13 40.69
CA ASN A 150 21.38 -7.99 41.55
C ASN A 150 20.30 -6.99 41.81
N GLY A 151 19.06 -7.47 41.89
CA GLY A 151 17.89 -6.64 42.20
C GLY A 151 17.39 -5.70 41.11
N GLU A 152 17.89 -5.89 39.90
CA GLU A 152 17.50 -5.05 38.76
CA GLU A 152 17.52 -5.06 38.76
C GLU A 152 16.25 -5.59 38.08
N PHE A 153 15.72 -4.79 37.15
CA PHE A 153 14.47 -5.03 36.46
C PHE A 153 14.65 -4.66 35.00
N ALA A 154 13.98 -5.41 34.13
CA ALA A 154 13.77 -4.96 32.76
C ALA A 154 13.07 -3.62 32.82
N ASN A 155 13.54 -2.66 32.01
CA ASN A 155 12.82 -1.37 31.80
C ASN A 155 12.35 -1.15 30.36
N MET A 156 12.53 -2.16 29.50
CA MET A 156 11.99 -2.10 28.12
C MET A 156 11.66 -3.50 27.68
N ILE A 157 10.60 -3.58 26.90
CA ILE A 157 10.24 -4.81 26.22
C ILE A 157 10.36 -4.62 24.71
N LEU A 158 10.94 -5.61 24.04
CA LEU A 158 10.93 -5.69 22.58
C LEU A 158 10.21 -6.99 22.25
N ASP A 159 9.04 -6.86 21.64
CA ASP A 159 8.07 -7.92 21.56
C ASP A 159 7.68 -8.19 20.12
N ASP A 160 7.35 -9.42 19.83
CA ASP A 160 6.88 -9.80 18.52
C ASP A 160 5.82 -10.81 18.81
N GLY A 161 4.59 -10.40 18.62
CA GLY A 161 3.46 -11.23 19.01
C GLY A 161 2.80 -10.79 20.32
N GLY A 162 3.49 -9.96 21.08
CA GLY A 162 2.90 -9.44 22.27
C GLY A 162 2.90 -10.38 23.47
N ASP A 163 3.65 -11.49 23.43
CA ASP A 163 3.60 -12.42 24.56
C ASP A 163 4.33 -11.94 25.83
N ALA A 164 5.40 -11.17 25.68
CA ALA A 164 6.14 -10.62 26.83
C ALA A 164 5.22 -9.63 27.51
N THR A 165 4.57 -8.79 26.70
CA THR A 165 3.70 -7.78 27.22
C THR A 165 2.47 -8.44 27.89
N LEU A 166 1.89 -9.44 27.24
CA LEU A 166 0.75 -10.15 27.81
C LEU A 166 1.15 -10.76 29.17
N LEU A 167 2.33 -11.35 29.26
CA LEU A 167 2.73 -12.01 30.49
C LEU A 167 2.63 -11.03 31.65
N LEU A 168 3.20 -9.85 31.52
CA LEU A 168 3.25 -8.98 32.66
C LEU A 168 1.86 -8.37 32.96
N ILE A 169 1.06 -8.11 31.92
CA ILE A 169 -0.23 -7.42 32.06
C ILE A 169 -1.25 -8.40 32.67
N LEU A 170 -1.33 -9.60 32.11
CA LEU A 170 -2.23 -10.58 32.56
C LEU A 170 -1.81 -10.98 33.96
N GLY A 171 -0.52 -11.14 34.14
CA GLY A 171 -0.04 -11.57 35.43
C GLY A 171 -0.42 -10.60 36.52
N SER A 172 -0.23 -9.31 36.26
CA SER A 172 -0.62 -8.26 37.21
C SER A 172 -2.13 -8.24 37.49
N LYS A 173 -2.94 -8.55 36.49
CA LYS A 173 -4.38 -8.62 36.69
C LYS A 173 -4.70 -9.82 37.57
N ALA A 174 -4.02 -10.93 37.30
CA ALA A 174 -4.19 -12.17 38.07
C ALA A 174 -3.86 -12.00 39.56
N GLU A 175 -2.93 -11.12 39.89
CA GLU A 175 -2.56 -10.90 41.31
C GLU A 175 -3.75 -10.47 42.17
N LYS A 176 -4.67 -9.71 41.57
CA LYS A 176 -5.80 -9.13 42.27
C LYS A 176 -7.09 -9.86 41.94
N ASP A 177 -7.12 -10.59 40.82
CA ASP A 177 -8.32 -11.29 40.39
C ASP A 177 -7.99 -12.56 39.61
N ARG A 178 -7.90 -13.66 40.35
CA ARG A 178 -7.58 -14.96 39.81
C ARG A 178 -8.54 -15.45 38.74
N SER A 179 -9.75 -14.89 38.65
CA SER A 179 -10.67 -15.32 37.63
C SER A 179 -10.10 -15.08 36.22
N VAL A 180 -9.21 -14.13 36.04
CA VAL A 180 -8.66 -13.91 34.68
C VAL A 180 -7.83 -15.07 34.14
N ILE A 181 -7.33 -15.93 35.02
CA ILE A 181 -6.62 -17.10 34.58
C ILE A 181 -7.39 -18.36 34.92
N ALA A 182 -8.73 -18.26 35.01
CA ALA A 182 -9.58 -19.41 35.34
C ALA A 182 -9.99 -20.21 34.12
N ARG A 183 -9.97 -19.56 32.94
CA ARG A 183 -10.61 -20.14 31.76
C ARG A 183 -9.74 -20.20 30.49
N PRO A 184 -8.72 -21.05 30.52
CA PRO A 184 -7.94 -21.22 29.32
C PRO A 184 -8.73 -21.87 28.19
N THR A 185 -8.51 -21.41 26.97
CA THR A 185 -9.19 -21.94 25.83
C THR A 185 -8.31 -22.78 24.93
N ASN A 186 -7.02 -22.93 25.21
CA ASN A 186 -6.17 -23.75 24.34
C ASN A 186 -4.95 -24.14 25.13
N GLU A 187 -4.07 -24.93 24.55
CA GLU A 187 -2.97 -25.50 25.31
C GLU A 187 -1.96 -24.44 25.71
N GLU A 188 -1.77 -23.44 24.87
CA GLU A 188 -0.82 -22.37 25.17
C GLU A 188 -1.27 -21.56 26.40
N GLU A 189 -2.58 -21.29 26.47
CA GLU A 189 -3.17 -20.64 27.64
C GLU A 189 -3.14 -21.55 28.88
N VAL A 190 -3.37 -22.84 28.71
CA VAL A 190 -3.28 -23.74 29.85
C VAL A 190 -1.91 -23.57 30.44
N ALA A 191 -0.90 -23.59 29.57
CA ALA A 191 0.49 -23.52 30.01
C ALA A 191 0.76 -22.14 30.59
N LEU A 192 0.26 -21.10 29.96
CA LEU A 192 0.46 -19.72 30.44
C LEU A 192 -0.14 -19.52 31.83
N PHE A 193 -1.37 -19.93 32.00
CA PHE A 193 -2.05 -19.79 33.29
C PHE A 193 -1.37 -20.63 34.40
N LYS A 194 -0.90 -21.82 34.07
CA LYS A 194 -0.14 -22.62 35.03
C LYS A 194 1.07 -21.83 35.48
N SER A 195 1.72 -21.13 34.54
CA SER A 195 2.97 -20.45 34.85
C SER A 195 2.73 -19.20 35.68
N ILE A 196 1.60 -18.53 35.45
CA ILE A 196 1.23 -17.41 36.27
C ILE A 196 0.94 -17.89 37.72
N GLU A 197 0.14 -18.95 37.88
CA GLU A 197 -0.15 -19.52 39.21
C GLU A 197 1.12 -19.82 39.97
N ARG A 198 2.00 -20.55 39.30
CA ARG A 198 3.24 -21.01 39.88
C ARG A 198 4.05 -19.84 40.39
N HIS A 199 4.10 -18.76 39.60
CA HIS A 199 4.93 -17.63 40.01
C HIS A 199 4.24 -16.80 41.10
N LEU A 200 2.92 -16.71 41.03
CA LEU A 200 2.17 -16.04 42.09
C LEU A 200 2.35 -16.71 43.46
N GLU A 201 2.53 -18.03 43.51
CA GLU A 201 2.73 -18.73 44.78
C GLU A 201 4.06 -18.35 45.42
N ILE A 202 5.10 -18.17 44.60
CA ILE A 202 6.41 -17.69 45.07
C ILE A 202 6.30 -16.23 45.53
N ASP A 203 5.62 -15.39 44.75
CA ASP A 203 5.55 -13.97 45.03
C ASP A 203 4.22 -13.44 44.49
N GLY A 204 3.31 -13.10 45.39
CA GLY A 204 2.00 -12.61 45.01
C GLY A 204 2.03 -11.27 44.28
N SER A 205 3.19 -10.63 44.24
CA SER A 205 3.36 -9.38 43.52
C SER A 205 4.37 -9.51 42.36
N TRP A 206 4.66 -10.74 41.94
CA TRP A 206 5.69 -11.03 40.93
C TRP A 206 5.63 -10.18 39.65
N TYR A 207 4.41 -9.88 39.18
CA TYR A 207 4.25 -9.26 37.89
C TYR A 207 4.17 -7.74 38.02
N SER A 208 3.33 -7.25 38.94
CA SER A 208 3.07 -5.83 39.08
C SER A 208 4.30 -4.98 39.34
N LYS A 209 5.20 -5.52 40.13
CA LYS A 209 6.47 -4.92 40.47
C LYS A 209 7.39 -4.85 39.27
N ARG A 210 7.36 -5.87 38.42
CA ARG A 210 8.14 -5.81 37.18
C ARG A 210 7.47 -4.90 36.14
N LEU A 211 6.15 -4.99 36.08
CA LEU A 211 5.40 -4.18 35.14
C LEU A 211 5.65 -2.72 35.39
N ALA A 212 5.71 -2.31 36.65
CA ALA A 212 5.93 -0.88 36.96
C ALA A 212 7.22 -0.32 36.31
N HIS A 213 8.24 -1.18 36.15
CA HIS A 213 9.55 -0.75 35.66
C HIS A 213 9.66 -0.63 34.15
N ILE A 214 8.65 -1.08 33.42
CA ILE A 214 8.71 -1.05 31.98
C ILE A 214 8.45 0.36 31.51
N LYS A 215 9.43 0.95 30.82
CA LYS A 215 9.29 2.33 30.33
C LYS A 215 8.60 2.42 28.95
N GLY A 216 8.50 1.28 28.24
CA GLY A 216 7.99 1.26 26.87
C GLY A 216 8.04 -0.12 26.24
N VAL A 217 7.21 -0.34 25.22
CA VAL A 217 7.28 -1.57 24.44
C VAL A 217 7.40 -1.28 22.96
N THR A 218 8.21 -2.07 22.25
CA THR A 218 8.25 -1.99 20.80
C THR A 218 7.78 -3.30 20.23
N GLU A 219 6.70 -3.23 19.46
CA GLU A 219 6.00 -4.40 19.00
C GLU A 219 6.05 -4.45 17.49
N GLU A 220 6.46 -5.59 16.98
CA GLU A 220 6.73 -5.64 15.58
C GLU A 220 5.86 -6.42 14.68
N THR A 221 4.89 -7.17 15.21
CA THR A 221 4.05 -7.93 14.29
C THR A 221 2.59 -7.55 14.39
N THR A 222 1.88 -7.84 13.32
CA THR A 222 0.48 -7.37 13.14
C THR A 222 -0.43 -7.83 14.29
N THR A 223 -0.36 -9.12 14.63
CA THR A 223 -1.11 -9.71 15.76
C THR A 223 -0.82 -9.06 17.13
N GLY A 224 0.45 -8.76 17.39
CA GLY A 224 0.81 -8.10 18.65
C GLY A 224 0.35 -6.66 18.68
N VAL A 225 0.39 -6.03 17.51
CA VAL A 225 -0.04 -4.67 17.40
C VAL A 225 -1.54 -4.66 17.60
N HIS A 226 -2.26 -5.64 17.08
CA HIS A 226 -3.71 -5.71 17.36
C HIS A 226 -3.95 -5.85 18.86
N ARG A 227 -3.13 -6.65 19.54
CA ARG A 227 -3.26 -6.81 20.99
C ARG A 227 -3.05 -5.50 21.74
N LEU A 228 -2.08 -4.69 21.29
CA LEU A 228 -1.83 -3.38 21.89
C LEU A 228 -2.94 -2.38 21.61
N TYR A 229 -3.43 -2.32 20.37
CA TYR A 229 -4.55 -1.39 20.09
C TYR A 229 -5.72 -1.77 20.99
N GLN A 230 -6.00 -3.06 21.07
CA GLN A 230 -7.08 -3.56 21.91
C GLN A 230 -6.87 -3.12 23.37
N MET A 231 -5.63 -3.08 23.85
CA MET A 231 -5.34 -2.61 25.22
C MET A 231 -5.53 -1.11 25.36
N GLU A 232 -5.11 -0.32 24.37
CA GLU A 232 -5.29 1.13 24.45
C GLU A 232 -6.79 1.46 24.54
N LYS A 233 -7.59 0.84 23.65
CA LYS A 233 -9.06 1.01 23.55
C LYS A 233 -9.70 0.83 24.92
N ASP A 234 -9.23 -0.15 25.70
CA ASP A 234 -9.78 -0.48 27.04
C ASP A 234 -9.05 0.17 28.20
N GLY A 235 -8.39 1.30 27.99
CA GLY A 235 -7.59 1.96 29.07
C GLY A 235 -6.57 1.12 29.85
N ARG A 236 -6.19 -0.04 29.32
CA ARG A 236 -5.36 -1.01 30.08
C ARG A 236 -3.84 -0.93 29.77
N LEU A 237 -3.42 0.06 28.95
CA LEU A 237 -2.01 0.15 28.49
C LEU A 237 -1.21 1.13 29.35
N PRO A 238 -0.24 0.63 30.10
CA PRO A 238 0.42 1.41 31.15
C PRO A 238 1.72 2.02 30.79
N PHE A 239 2.11 1.90 29.55
CA PHE A 239 3.31 2.63 29.13
C PHE A 239 3.21 2.93 27.64
N PRO A 240 4.02 3.83 27.14
CA PRO A 240 4.01 4.06 25.71
C PRO A 240 4.47 2.87 24.91
N ALA A 241 3.87 2.68 23.75
CA ALA A 241 4.21 1.58 22.86
C ALA A 241 4.45 2.13 21.44
N PHE A 242 5.43 1.54 20.76
CA PHE A 242 5.56 1.71 19.33
C PHE A 242 5.06 0.53 18.58
N ASN A 243 4.19 0.83 17.63
CA ASN A 243 3.79 -0.12 16.62
C ASN A 243 4.83 -0.04 15.50
N VAL A 244 5.75 -0.99 15.48
CA VAL A 244 6.79 -1.07 14.46
C VAL A 244 6.31 -1.83 13.23
N ASN A 245 5.30 -2.68 13.39
CA ASN A 245 4.73 -3.39 12.23
C ASN A 245 4.32 -2.45 11.12
N ASP A 246 3.77 -1.32 11.51
CA ASP A 246 3.16 -0.40 10.57
C ASP A 246 4.06 0.78 10.11
N SER A 247 5.35 0.71 10.42
CA SER A 247 6.34 1.37 9.60
C SER A 247 6.17 0.82 8.21
N VAL A 248 6.23 1.71 7.23
CA VAL A 248 6.03 1.28 5.86
C VAL A 248 7.12 0.28 5.58
N THR A 249 8.33 0.59 6.01
CA THR A 249 9.47 -0.24 5.74
C THR A 249 9.44 -1.59 6.47
N LYS A 250 8.44 -1.82 7.33
CA LYS A 250 8.30 -3.11 7.93
C LYS A 250 7.19 -3.87 7.22
N SER A 251 5.96 -3.46 7.47
CA SER A 251 4.80 -4.11 6.89
C SER A 251 4.93 -4.35 5.40
N LYS A 252 5.28 -3.35 4.63
CA LYS A 252 5.19 -3.51 3.18
C LYS A 252 6.48 -4.20 2.65
N PHE A 253 7.37 -4.57 3.55
CA PHE A 253 8.64 -5.22 3.16
C PHE A 253 8.79 -6.62 3.78
N ASP A 254 8.96 -6.67 5.07
CA ASP A 254 9.13 -7.94 5.79
C ASP A 254 7.92 -8.85 5.54
N ASN A 255 6.72 -8.33 5.79
CA ASN A 255 5.53 -9.17 5.69
C ASN A 255 5.36 -9.65 4.26
N LEU A 256 5.64 -8.78 3.27
CA LEU A 256 5.46 -9.14 1.87
C LEU A 256 6.66 -9.87 1.23
N TYR A 257 7.79 -9.18 1.09
CA TYR A 257 8.98 -9.76 0.39
C TYR A 257 9.57 -10.93 1.19
N GLY A 258 9.49 -10.85 2.49
CA GLY A 258 9.94 -11.93 3.32
C GLY A 258 9.15 -13.19 3.02
N CYS A 259 7.82 -13.10 3.07
CA CYS A 259 7.04 -14.33 2.88
C CYS A 259 7.13 -14.75 1.42
N ARG A 260 7.28 -13.82 0.50
CA ARG A 260 7.51 -14.23 -0.89
C ARG A 260 8.77 -15.15 -1.00
N GLU A 261 9.71 -15.01 -0.10
CA GLU A 261 10.85 -15.94 -0.10
C GLU A 261 10.77 -17.11 0.85
N SER A 262 10.22 -16.88 2.03
CA SER A 262 10.28 -17.89 3.09
C SER A 262 9.12 -18.89 3.11
N LEU A 263 7.95 -18.55 2.60
CA LEU A 263 6.84 -19.51 2.60
C LEU A 263 7.24 -20.82 1.91
N VAL A 264 7.60 -20.76 0.63
CA VAL A 264 7.96 -21.95 -0.15
C VAL A 264 9.23 -22.59 0.38
N ASP A 265 10.14 -21.78 0.89
CA ASP A 265 11.34 -22.24 1.56
C ASP A 265 10.90 -23.24 2.65
N GLY A 266 9.96 -22.83 3.50
CA GLY A 266 9.45 -23.70 4.55
C GLY A 266 8.75 -24.95 4.09
N ILE A 267 7.83 -24.81 3.14
CA ILE A 267 7.08 -25.93 2.61
C ILE A 267 8.01 -26.97 1.93
N LYS A 268 8.98 -26.47 1.17
CA LYS A 268 9.93 -27.33 0.48
C LYS A 268 10.85 -28.07 1.45
N ARG A 269 11.35 -27.41 2.48
CA ARG A 269 12.24 -28.15 3.40
C ARG A 269 11.46 -29.23 4.07
N ALA A 270 10.16 -28.99 4.29
CA ALA A 270 9.29 -29.94 4.99
C ALA A 270 8.92 -31.07 4.05
N THR A 271 8.52 -30.76 2.84
CA THR A 271 7.85 -31.78 2.02
C THR A 271 8.55 -32.08 0.69
N ASP A 272 9.49 -31.22 0.33
CA ASP A 272 10.07 -31.20 -1.01
C ASP A 272 9.08 -31.25 -2.18
N VAL A 273 7.93 -30.60 -2.05
CA VAL A 273 6.88 -30.73 -3.03
C VAL A 273 7.10 -29.82 -4.24
N MET A 274 6.75 -30.31 -5.43
CA MET A 274 6.62 -29.50 -6.62
C MET A 274 5.50 -28.50 -6.36
N ILE A 275 5.78 -27.22 -6.68
CA ILE A 275 4.79 -26.14 -6.71
C ILE A 275 4.11 -26.02 -8.09
N ALA A 276 4.87 -26.08 -9.17
CA ALA A 276 4.32 -26.06 -10.53
C ALA A 276 3.18 -27.05 -10.66
N GLY A 277 2.06 -26.51 -11.15
CA GLY A 277 0.88 -27.23 -11.53
C GLY A 277 -0.08 -27.47 -10.41
N LYS A 278 0.31 -27.12 -9.19
CA LYS A 278 -0.50 -27.40 -8.00
C LYS A 278 -1.55 -26.31 -7.85
N ILE A 279 -2.64 -26.61 -7.14
CA ILE A 279 -3.53 -25.59 -6.72
C ILE A 279 -3.15 -25.26 -5.31
N ALA A 280 -2.79 -24.00 -5.09
CA ALA A 280 -2.46 -23.51 -3.78
C ALA A 280 -3.44 -22.44 -3.33
N VAL A 281 -4.04 -22.63 -2.14
CA VAL A 281 -4.95 -21.63 -1.65
C VAL A 281 -4.30 -20.88 -0.53
N VAL A 282 -4.37 -19.55 -0.62
CA VAL A 282 -3.85 -18.67 0.41
C VAL A 282 -5.06 -18.02 1.08
N ALA A 283 -5.31 -18.38 2.34
CA ALA A 283 -6.31 -17.74 3.19
C ALA A 283 -5.78 -16.41 3.69
N GLY A 284 -6.39 -15.32 3.23
CA GLY A 284 -5.95 -14.00 3.67
C GLY A 284 -5.01 -13.38 2.64
N TYR A 285 -5.31 -12.16 2.22
CA TYR A 285 -4.55 -11.43 1.22
C TYR A 285 -4.15 -10.07 1.75
N GLY A 286 -3.66 -10.08 2.99
CA GLY A 286 -2.94 -8.95 3.54
C GLY A 286 -1.52 -8.96 3.01
N ASP A 287 -0.59 -8.33 3.71
CA ASP A 287 0.80 -8.28 3.24
C ASP A 287 1.46 -9.66 3.17
N VAL A 288 1.17 -10.50 4.14
CA VAL A 288 1.74 -11.84 4.22
C VAL A 288 1.16 -12.62 3.05
N GLY A 289 -0.17 -12.58 2.94
CA GLY A 289 -0.85 -13.34 1.90
C GLY A 289 -0.43 -12.91 0.49
N LYS A 290 -0.18 -11.62 0.31
CA LYS A 290 0.26 -11.08 -0.99
C LYS A 290 1.58 -11.69 -1.33
N GLY A 291 2.44 -11.76 -0.33
CA GLY A 291 3.79 -12.35 -0.51
C GLY A 291 3.70 -13.80 -0.85
N CYS A 292 2.84 -14.51 -0.12
CA CYS A 292 2.70 -15.94 -0.29
C CYS A 292 2.17 -16.23 -1.66
N ALA A 293 1.13 -15.50 -2.05
CA ALA A 293 0.48 -15.73 -3.33
C ALA A 293 1.53 -15.55 -4.44
N GLN A 294 2.28 -14.44 -4.37
CA GLN A 294 3.20 -14.08 -5.43
C GLN A 294 4.30 -15.16 -5.58
N SER A 295 4.77 -15.66 -4.46
CA SER A 295 5.68 -16.79 -4.43
C SER A 295 5.16 -18.04 -5.11
N LEU A 296 3.94 -18.44 -4.76
CA LEU A 296 3.39 -19.64 -5.31
C LEU A 296 3.13 -19.47 -6.83
N ARG A 297 2.62 -18.31 -7.22
CA ARG A 297 2.36 -18.05 -8.62
C ARG A 297 3.63 -18.08 -9.47
N GLY A 298 4.74 -17.60 -8.93
CA GLY A 298 5.96 -17.53 -9.69
C GLY A 298 6.51 -18.91 -10.03
N LEU A 299 6.19 -19.91 -9.22
CA LEU A 299 6.63 -21.24 -9.50
C LEU A 299 5.65 -22.03 -10.35
N GLY A 300 4.62 -21.36 -10.87
CA GLY A 300 3.68 -22.06 -11.70
C GLY A 300 2.51 -22.72 -11.01
N ALA A 301 2.25 -22.39 -9.72
CA ALA A 301 0.99 -22.81 -9.09
C ALA A 301 -0.19 -22.01 -9.63
N THR A 302 -1.33 -22.64 -9.60
CA THR A 302 -2.61 -21.95 -9.74
C THR A 302 -2.91 -21.49 -8.33
N VAL A 303 -3.09 -20.18 -8.15
CA VAL A 303 -3.22 -19.61 -6.82
C VAL A 303 -4.68 -19.18 -6.65
N TRP A 304 -5.29 -19.71 -5.61
CA TRP A 304 -6.59 -19.28 -5.22
C TRP A 304 -6.40 -18.52 -3.92
N VAL A 305 -7.28 -17.55 -3.64
CA VAL A 305 -7.26 -16.77 -2.44
C VAL A 305 -8.62 -16.74 -1.80
N THR A 306 -8.59 -16.68 -0.48
CA THR A 306 -9.77 -16.60 0.37
C THR A 306 -9.64 -15.25 1.06
N GLU A 307 -10.73 -14.51 1.18
CA GLU A 307 -10.71 -13.19 1.86
C GLU A 307 -12.10 -12.84 2.35
N ILE A 308 -12.13 -12.14 3.47
CA ILE A 308 -13.35 -11.54 3.98
C ILE A 308 -13.41 -10.02 3.69
N ASP A 309 -12.31 -9.45 3.20
CA ASP A 309 -12.18 -8.01 2.95
C ASP A 309 -12.33 -7.80 1.46
N PRO A 310 -13.40 -7.10 1.03
CA PRO A 310 -13.65 -7.06 -0.41
C PRO A 310 -12.55 -6.28 -1.17
N ILE A 311 -11.89 -5.34 -0.51
CA ILE A 311 -10.82 -4.61 -1.15
C ILE A 311 -9.63 -5.58 -1.37
N CYS A 312 -9.24 -6.29 -0.34
CA CYS A 312 -8.16 -7.24 -0.47
C CYS A 312 -8.56 -8.29 -1.48
N ALA A 313 -9.81 -8.70 -1.47
CA ALA A 313 -10.24 -9.67 -2.46
C ALA A 313 -10.15 -9.11 -3.90
N LEU A 314 -10.50 -7.86 -4.12
CA LEU A 314 -10.45 -7.31 -5.45
C LEU A 314 -8.99 -7.18 -5.90
N GLN A 315 -8.08 -6.88 -4.96
CA GLN A 315 -6.65 -6.81 -5.31
C GLN A 315 -6.25 -8.19 -5.81
N ALA A 316 -6.59 -9.23 -5.08
CA ALA A 316 -6.19 -10.59 -5.49
C ALA A 316 -6.72 -10.94 -6.86
N ALA A 317 -7.97 -10.56 -7.11
CA ALA A 317 -8.60 -10.90 -8.37
C ALA A 317 -7.93 -10.15 -9.54
N MET A 318 -7.51 -8.92 -9.31
CA MET A 318 -6.73 -8.15 -10.26
C MET A 318 -5.30 -8.69 -10.54
N GLU A 319 -4.83 -9.66 -9.78
CA GLU A 319 -3.57 -10.35 -10.13
C GLU A 319 -3.84 -11.67 -10.80
N GLY A 320 -5.11 -11.97 -11.06
CA GLY A 320 -5.42 -13.21 -11.71
C GLY A 320 -5.64 -14.39 -10.77
N TYR A 321 -5.68 -14.15 -9.48
CA TYR A 321 -5.98 -15.24 -8.56
C TYR A 321 -7.51 -15.45 -8.49
N ARG A 322 -7.96 -16.68 -8.42
CA ARG A 322 -9.36 -16.90 -8.15
C ARG A 322 -9.62 -16.65 -6.66
N VAL A 323 -10.71 -15.94 -6.36
CA VAL A 323 -11.15 -15.69 -5.00
C VAL A 323 -12.30 -16.64 -4.71
N VAL A 324 -12.08 -17.53 -3.74
CA VAL A 324 -12.99 -18.63 -3.50
C VAL A 324 -13.16 -18.82 -1.99
N THR A 325 -14.15 -19.62 -1.59
CA THR A 325 -14.28 -19.89 -0.19
C THR A 325 -13.41 -21.12 0.14
N MET A 326 -13.07 -21.25 1.42
CA MET A 326 -12.37 -22.43 1.92
C MET A 326 -13.24 -23.66 1.73
N GLU A 327 -14.55 -23.52 1.83
CA GLU A 327 -15.43 -24.66 1.60
C GLU A 327 -15.35 -25.12 0.15
N TYR A 328 -15.27 -24.17 -0.76
CA TYR A 328 -15.04 -24.52 -2.15
C TYR A 328 -13.67 -25.23 -2.39
N ALA A 329 -12.66 -24.76 -1.67
CA ALA A 329 -11.25 -25.10 -1.94
C ALA A 329 -10.87 -26.43 -1.30
N ALA A 330 -11.52 -26.74 -0.19
CA ALA A 330 -11.12 -27.86 0.68
C ALA A 330 -10.95 -29.18 -0.04
N ASP A 331 -11.88 -29.56 -0.90
CA ASP A 331 -11.73 -30.84 -1.60
C ASP A 331 -11.06 -30.73 -2.97
N LYS A 332 -10.55 -29.55 -3.34
CA LYS A 332 -9.92 -29.39 -4.64
C LYS A 332 -8.44 -29.09 -4.61
N ALA A 333 -7.99 -28.30 -3.66
CA ALA A 333 -6.63 -27.77 -3.60
C ALA A 333 -5.60 -28.78 -3.09
N ASP A 334 -4.34 -28.54 -3.49
CA ASP A 334 -3.19 -29.39 -3.13
C ASP A 334 -2.45 -28.88 -1.90
N ILE A 335 -2.37 -27.55 -1.77
CA ILE A 335 -1.62 -26.87 -0.72
C ILE A 335 -2.49 -25.75 -0.14
N PHE A 336 -2.45 -25.60 1.19
CA PHE A 336 -3.29 -24.66 1.94
C PHE A 336 -2.36 -23.93 2.84
N VAL A 337 -2.45 -22.61 2.77
CA VAL A 337 -1.66 -21.71 3.60
C VAL A 337 -2.59 -20.71 4.26
N THR A 338 -2.56 -20.63 5.59
CA THR A 338 -3.30 -19.60 6.29
C THR A 338 -2.39 -18.42 6.65
N ALA A 339 -2.92 -17.23 6.40
CA ALA A 339 -2.18 -15.98 6.40
C ALA A 339 -3.10 -14.86 6.95
N THR A 340 -3.99 -15.22 7.88
CA THR A 340 -5.09 -14.32 8.28
C THR A 340 -4.90 -13.57 9.60
N GLY A 341 -4.19 -14.18 10.55
CA GLY A 341 -4.16 -13.65 11.93
C GLY A 341 -5.48 -13.89 12.68
N ASN A 342 -6.33 -14.77 12.13
CA ASN A 342 -7.66 -15.04 12.62
C ASN A 342 -7.72 -16.48 13.15
N TYR A 343 -8.91 -16.94 13.45
CA TYR A 343 -9.13 -18.16 14.21
C TYR A 343 -9.90 -19.17 13.37
N HIS A 344 -9.40 -20.38 13.35
CA HIS A 344 -10.10 -21.50 12.72
C HIS A 344 -10.49 -21.23 11.27
N VAL A 345 -9.52 -20.74 10.50
CA VAL A 345 -9.67 -20.53 9.08
C VAL A 345 -9.64 -21.88 8.34
N ILE A 346 -8.86 -22.83 8.81
CA ILE A 346 -9.02 -24.21 8.35
C ILE A 346 -9.51 -25.02 9.54
N ASN A 347 -10.68 -25.58 9.37
CA ASN A 347 -11.36 -26.26 10.43
C ASN A 347 -11.35 -27.74 10.10
N HIS A 348 -11.84 -28.53 11.05
CA HIS A 348 -11.90 -29.98 10.96
C HIS A 348 -12.50 -30.49 9.68
N ASP A 349 -13.66 -29.93 9.33
CA ASP A 349 -14.38 -30.42 8.18
C ASP A 349 -13.67 -30.09 6.87
N HIS A 350 -12.89 -29.00 6.85
CA HIS A 350 -12.07 -28.67 5.70
C HIS A 350 -11.07 -29.78 5.53
N MET A 351 -10.36 -30.12 6.61
CA MET A 351 -9.31 -31.13 6.53
C MET A 351 -9.84 -32.53 6.13
N LYS A 352 -10.97 -32.93 6.70
CA LYS A 352 -11.67 -34.17 6.34
C LYS A 352 -12.04 -34.23 4.86
N ALA A 353 -12.28 -33.07 4.23
CA ALA A 353 -12.64 -33.04 2.81
C ALA A 353 -11.40 -33.07 1.88
N MET A 354 -10.23 -32.83 2.44
CA MET A 354 -9.01 -32.73 1.64
C MET A 354 -8.58 -34.00 0.97
N ARG A 355 -7.93 -33.82 -0.16
CA ARG A 355 -7.35 -34.96 -0.91
C ARG A 355 -6.22 -35.59 -0.12
N HIS A 356 -5.97 -36.86 -0.39
CA HIS A 356 -4.81 -37.53 0.22
C HIS A 356 -3.53 -36.75 -0.05
N ASN A 357 -2.77 -36.53 0.99
CA ASN A 357 -1.49 -35.86 0.95
C ASN A 357 -1.60 -34.39 0.57
N ALA A 358 -2.78 -33.81 0.75
CA ALA A 358 -2.92 -32.37 0.82
C ALA A 358 -1.95 -31.88 1.89
N ILE A 359 -1.38 -30.70 1.65
CA ILE A 359 -0.39 -30.11 2.53
C ILE A 359 -1.04 -28.90 3.13
N VAL A 360 -0.93 -28.79 4.44
CA VAL A 360 -1.60 -27.76 5.17
C VAL A 360 -0.59 -27.11 6.08
N CYS A 361 -0.55 -25.77 6.01
CA CYS A 361 0.33 -25.03 6.86
C CYS A 361 -0.19 -23.68 7.14
N ASN A 362 0.44 -23.02 8.09
CA ASN A 362 0.03 -21.70 8.50
C ASN A 362 1.27 -20.82 8.56
N ILE A 363 1.13 -19.60 8.13
CA ILE A 363 2.22 -18.65 8.21
C ILE A 363 1.83 -17.44 9.06
N GLY A 364 0.60 -17.41 9.57
CA GLY A 364 0.23 -16.35 10.49
C GLY A 364 0.90 -16.61 11.82
N HIS A 365 0.76 -15.66 12.74
CA HIS A 365 1.55 -15.67 13.99
C HIS A 365 1.21 -16.82 14.91
N PHE A 366 -0.07 -17.13 15.04
CA PHE A 366 -0.52 -18.18 15.96
C PHE A 366 -1.11 -19.37 15.24
N ASP A 367 -0.88 -20.56 15.79
CA ASP A 367 -1.30 -21.80 15.13
C ASP A 367 -2.79 -21.97 15.07
N SER A 368 -3.52 -21.17 15.84
CA SER A 368 -4.98 -21.35 15.92
C SER A 368 -5.70 -21.01 14.64
N GLU A 369 -5.00 -20.47 13.64
CA GLU A 369 -5.58 -20.34 12.28
C GLU A 369 -6.06 -21.70 11.76
N ILE A 370 -5.35 -22.74 12.16
CA ILE A 370 -5.80 -24.08 11.84
C ILE A 370 -6.27 -24.78 13.12
N ASP A 371 -7.38 -25.51 13.01
CA ASP A 371 -7.90 -26.23 14.16
C ASP A 371 -7.22 -27.56 14.24
N VAL A 372 -5.97 -27.50 14.66
CA VAL A 372 -5.20 -28.69 14.86
C VAL A 372 -5.81 -29.53 16.00
N ALA A 373 -6.20 -28.89 17.08
CA ALA A 373 -6.78 -29.63 18.22
C ALA A 373 -7.86 -30.59 17.74
N SER A 374 -8.67 -30.20 16.79
CA SER A 374 -9.75 -31.06 16.38
C SER A 374 -9.27 -32.31 15.66
N THR A 375 -7.99 -32.37 15.33
CA THR A 375 -7.46 -33.56 14.59
C THR A 375 -6.77 -34.53 15.54
N ARG A 376 -6.66 -34.16 16.80
CA ARG A 376 -5.93 -35.02 17.72
C ARG A 376 -6.71 -36.28 18.03
N GLN A 377 -8.00 -36.33 17.70
CA GLN A 377 -8.81 -37.55 17.87
C GLN A 377 -8.36 -38.64 16.90
N TYR A 378 -7.60 -38.26 15.88
CA TYR A 378 -7.13 -39.21 14.87
C TYR A 378 -5.71 -39.72 15.15
N GLN A 379 -5.40 -40.91 14.62
CA GLN A 379 -4.00 -41.33 14.58
C GLN A 379 -3.17 -40.32 13.79
N TRP A 380 -2.04 -39.95 14.38
CA TRP A 380 -1.02 -39.20 13.69
C TRP A 380 0.20 -40.12 13.46
N GLU A 381 0.92 -39.88 12.37
CA GLU A 381 2.21 -40.52 12.11
C GLU A 381 3.21 -39.43 11.77
N ASN A 382 4.24 -39.32 12.59
CA ASN A 382 5.30 -38.38 12.33
C ASN A 382 6.09 -38.80 11.11
N ILE A 383 6.31 -37.84 10.22
CA ILE A 383 7.13 -38.10 9.05
C ILE A 383 8.56 -37.72 9.40
N LYS A 384 8.74 -36.49 9.91
CA LYS A 384 10.00 -36.01 10.48
C LYS A 384 9.66 -34.80 11.32
N PRO A 385 10.64 -34.22 12.01
CA PRO A 385 10.25 -33.12 12.85
C PRO A 385 9.52 -32.02 12.08
N GLN A 386 8.34 -31.65 12.59
CA GLN A 386 7.47 -30.58 12.05
C GLN A 386 6.83 -30.98 10.75
N VAL A 387 6.81 -32.27 10.46
CA VAL A 387 6.06 -32.80 9.34
C VAL A 387 5.28 -34.03 9.83
N ASP A 388 3.97 -33.90 9.89
CA ASP A 388 3.12 -34.99 10.40
C ASP A 388 2.02 -35.39 9.44
N HIS A 389 1.78 -36.69 9.36
CA HIS A 389 0.58 -37.21 8.76
C HIS A 389 -0.58 -37.31 9.80
N ILE A 390 -1.72 -36.73 9.45
CA ILE A 390 -2.96 -36.88 10.20
C ILE A 390 -3.72 -37.92 9.41
N ILE A 391 -3.98 -39.07 10.03
CA ILE A 391 -4.58 -40.22 9.36
C ILE A 391 -6.08 -40.23 9.68
N PHE A 392 -6.90 -39.96 8.67
CA PHE A 392 -8.33 -39.98 8.83
C PHE A 392 -8.94 -41.41 8.79
N PRO A 393 -10.17 -41.57 9.33
CA PRO A 393 -10.76 -42.92 9.42
C PRO A 393 -10.91 -43.63 8.09
N ASP A 394 -11.15 -42.92 6.98
CA ASP A 394 -11.17 -43.60 5.66
C ASP A 394 -9.76 -43.93 5.11
N GLY A 395 -8.71 -43.68 5.89
CA GLY A 395 -7.33 -43.88 5.42
C GLY A 395 -6.68 -42.70 4.69
N LYS A 396 -7.44 -41.63 4.47
CA LYS A 396 -6.97 -40.45 3.79
C LYS A 396 -6.08 -39.68 4.75
N ARG A 397 -4.94 -39.19 4.28
CA ARG A 397 -4.00 -38.52 5.19
C ARG A 397 -3.79 -37.09 4.68
N VAL A 398 -3.54 -36.19 5.63
CA VAL A 398 -3.23 -34.80 5.38
C VAL A 398 -1.82 -34.61 5.95
N ILE A 399 -1.00 -33.86 5.24
CA ILE A 399 0.33 -33.52 5.70
C ILE A 399 0.24 -32.16 6.37
N LEU A 400 0.44 -32.11 7.68
CA LEU A 400 0.40 -30.88 8.42
C LEU A 400 1.79 -30.46 8.76
N LEU A 401 2.06 -29.16 8.56
CA LEU A 401 3.40 -28.69 8.79
C LEU A 401 3.49 -27.95 10.08
N ALA A 402 4.51 -28.33 10.83
CA ALA A 402 4.87 -27.70 12.10
C ALA A 402 3.74 -27.57 13.13
N GLU A 403 2.85 -28.54 13.14
CA GLU A 403 1.71 -28.52 14.05
C GLU A 403 0.97 -27.19 13.98
N GLY A 404 0.94 -26.62 12.78
CA GLY A 404 0.22 -25.39 12.53
C GLY A 404 0.99 -24.14 12.89
N ARG A 405 2.17 -24.27 13.50
CA ARG A 405 2.92 -23.08 13.89
C ARG A 405 3.58 -22.40 12.63
N LEU A 406 4.04 -21.14 12.72
CA LEU A 406 4.43 -20.40 11.52
C LEU A 406 5.42 -21.22 10.71
N VAL A 407 5.06 -21.52 9.47
CA VAL A 407 5.79 -22.53 8.74
C VAL A 407 7.17 -22.07 8.25
N ASN A 408 7.35 -20.79 7.97
CA ASN A 408 8.60 -20.35 7.38
C ASN A 408 9.66 -20.44 8.45
N LEU A 409 9.27 -20.13 9.69
CA LEU A 409 10.21 -20.18 10.80
C LEU A 409 10.31 -21.58 11.38
N GLY A 410 9.22 -22.35 11.31
CA GLY A 410 9.20 -23.69 11.90
C GLY A 410 9.91 -24.76 11.08
N CYS A 411 9.79 -24.68 9.75
CA CYS A 411 10.36 -25.65 8.85
C CYS A 411 11.54 -25.14 8.02
N ALA A 412 11.82 -23.86 8.11
CA ALA A 412 13.01 -23.26 7.48
C ALA A 412 13.62 -22.26 8.48
N THR A 413 14.01 -21.06 8.03
CA THR A 413 14.72 -20.10 8.89
C THR A 413 14.08 -18.74 8.89
N GLY A 414 12.81 -18.70 8.48
CA GLY A 414 12.12 -17.44 8.39
C GLY A 414 12.66 -16.60 7.24
N HIS A 415 12.40 -15.30 7.30
CA HIS A 415 12.83 -14.39 6.27
C HIS A 415 14.29 -14.18 6.29
N PRO A 416 14.83 -13.77 5.13
CA PRO A 416 16.28 -13.66 5.07
C PRO A 416 16.76 -12.40 5.73
N SER A 417 18.03 -12.42 6.12
CA SER A 417 18.66 -11.30 6.78
C SER A 417 18.34 -9.95 6.13
N PHE A 418 18.35 -9.88 4.82
CA PHE A 418 18.29 -8.57 4.22
C PHE A 418 16.99 -7.83 4.57
N VAL A 419 15.84 -8.46 4.35
CA VAL A 419 14.63 -7.78 4.62
C VAL A 419 14.43 -7.58 6.14
N MET A 420 14.94 -8.50 6.94
CA MET A 420 14.73 -8.40 8.38
C MET A 420 15.44 -7.21 8.92
N SER A 421 16.50 -6.77 8.25
CA SER A 421 17.25 -5.59 8.66
C SER A 421 16.33 -4.36 8.70
N ASN A 422 15.39 -4.29 7.77
CA ASN A 422 14.40 -3.23 7.81
C ASN A 422 13.65 -3.24 9.12
N SER A 423 13.08 -4.39 9.47
CA SER A 423 12.22 -4.46 10.65
C SER A 423 13.04 -4.16 11.90
N PHE A 424 14.24 -4.70 11.95
CA PHE A 424 15.04 -4.57 13.15
C PHE A 424 15.76 -3.24 13.23
N THR A 425 15.99 -2.59 12.11
CA THR A 425 16.39 -1.21 12.18
C THR A 425 15.27 -0.36 12.76
N ASN A 426 14.03 -0.62 12.33
CA ASN A 426 12.87 0.05 12.95
C ASN A 426 12.84 -0.24 14.45
N GLN A 427 12.99 -1.51 14.85
CA GLN A 427 12.96 -1.86 16.27
C GLN A 427 14.02 -1.08 17.01
N THR A 428 15.25 -1.05 16.48
CA THR A 428 16.30 -0.38 17.19
C THR A 428 16.00 1.10 17.41
N LEU A 429 15.48 1.76 16.39
CA LEU A 429 15.17 3.20 16.52
C LEU A 429 14.04 3.46 17.50
N ALA A 430 13.06 2.56 17.47
CA ALA A 430 11.91 2.55 18.37
C ALA A 430 12.37 2.43 19.84
N GLN A 431 13.29 1.49 20.08
CA GLN A 431 13.85 1.31 21.42
C GLN A 431 14.61 2.56 21.89
N ILE A 432 15.41 3.12 21.00
CA ILE A 432 16.19 4.29 21.33
C ILE A 432 15.23 5.40 21.67
N GLU A 433 14.25 5.58 20.84
CA GLU A 433 13.36 6.71 21.05
C GLU A 433 12.57 6.59 22.35
N LEU A 434 11.93 5.45 22.63
CA LEU A 434 11.19 5.30 23.88
C LEU A 434 12.11 5.30 25.10
N PHE A 435 13.31 4.73 25.00
CA PHE A 435 14.13 4.68 26.19
C PHE A 435 14.62 6.06 26.55
N THR A 436 15.00 6.85 25.53
CA THR A 436 15.60 8.18 25.77
C THR A 436 14.57 9.28 25.96
N ARG A 437 13.38 9.12 25.40
CA ARG A 437 12.44 10.23 25.35
C ARG A 437 11.04 9.76 25.70
N GLY A 438 10.95 8.61 26.35
CA GLY A 438 9.68 8.00 26.59
C GLY A 438 8.75 8.88 27.39
N GLY A 439 9.35 9.72 28.22
CA GLY A 439 8.63 10.62 29.12
C GLY A 439 7.77 11.59 28.37
N GLU A 440 8.10 11.86 27.13
CA GLU A 440 7.30 12.75 26.32
C GLU A 440 6.10 12.10 25.65
N TYR A 441 6.02 10.77 25.69
CA TYR A 441 4.91 10.04 25.09
C TYR A 441 3.88 9.64 26.15
N ALA A 442 2.62 9.55 25.72
CA ALA A 442 1.49 9.18 26.60
C ALA A 442 1.45 7.67 26.58
N ASN A 443 0.56 7.06 27.36
CA ASN A 443 0.44 5.63 27.32
C ASN A 443 -0.48 5.24 26.17
N LYS A 444 0.06 5.38 24.97
CA LYS A 444 -0.67 5.13 23.75
C LYS A 444 0.21 4.39 22.72
N VAL A 445 -0.41 3.90 21.66
CA VAL A 445 0.30 3.29 20.55
C VAL A 445 0.71 4.31 19.49
N TYR A 446 2.03 4.43 19.28
CA TYR A 446 2.60 5.32 18.26
C TYR A 446 3.25 4.58 17.09
N VAL A 447 3.41 5.31 15.98
CA VAL A 447 4.21 4.84 14.85
C VAL A 447 5.41 5.76 14.72
N LEU A 448 6.53 5.24 14.23
CA LEU A 448 7.67 6.06 13.94
C LEU A 448 7.31 7.13 12.90
N PRO A 449 7.95 8.31 12.98
CA PRO A 449 7.72 9.39 12.03
C PRO A 449 8.27 9.06 10.65
N LYS A 450 7.66 9.62 9.63
CA LYS A 450 7.98 9.24 8.25
C LYS A 450 9.46 9.42 7.94
N HIS A 451 10.07 10.45 8.50
CA HIS A 451 11.45 10.73 8.14
C HIS A 451 12.31 9.59 8.62
N LEU A 452 11.90 8.95 9.74
CA LEU A 452 12.66 7.77 10.23
C LEU A 452 12.39 6.54 9.38
N ASP A 453 11.15 6.39 8.94
CA ASP A 453 10.79 5.30 8.03
C ASP A 453 11.62 5.42 6.75
N GLU A 454 11.75 6.65 6.25
CA GLU A 454 12.50 6.86 5.04
C GLU A 454 13.94 6.55 5.31
N LYS A 455 14.45 6.92 6.46
CA LYS A 455 15.84 6.62 6.77
C LYS A 455 16.07 5.15 6.72
N VAL A 456 15.16 4.37 7.29
CA VAL A 456 15.35 2.92 7.28
C VAL A 456 15.58 2.42 5.86
N ALA A 457 14.68 2.78 4.97
CA ALA A 457 14.77 2.45 3.52
C ALA A 457 16.09 2.89 2.92
N ARG A 458 16.48 4.12 3.22
CA ARG A 458 17.64 4.74 2.62
C ARG A 458 18.90 3.97 2.96
N LEU A 459 18.99 3.54 4.21
CA LEU A 459 20.13 2.75 4.71
C LEU A 459 20.35 1.48 3.94
N HIS A 460 19.30 0.99 3.27
CA HIS A 460 19.42 -0.31 2.58
C HIS A 460 19.74 -0.22 1.10
N LEU A 461 19.79 0.99 0.57
CA LEU A 461 19.94 1.22 -0.90
C LEU A 461 21.30 0.85 -1.42
N ALA A 462 22.32 1.23 -0.68
CA ALA A 462 23.70 1.04 -1.13
C ALA A 462 24.02 -0.41 -1.28
N ARG A 463 23.58 -1.25 -0.35
CA ARG A 463 23.92 -2.64 -0.46
C ARG A 463 23.42 -3.21 -1.79
N ILE A 464 22.29 -2.73 -2.28
CA ILE A 464 21.77 -3.31 -3.51
C ILE A 464 22.00 -2.43 -4.71
N GLY A 465 22.84 -1.41 -4.58
CA GLY A 465 23.25 -0.55 -5.69
C GLY A 465 22.17 0.38 -6.28
N ALA A 466 21.17 0.72 -5.48
CA ALA A 466 20.08 1.55 -5.92
C ALA A 466 20.55 2.96 -5.72
N GLN A 467 20.42 3.80 -6.73
CA GLN A 467 20.86 5.18 -6.63
C GLN A 467 19.69 6.08 -6.43
N LEU A 468 19.66 6.81 -5.32
CA LEU A 468 18.57 7.70 -5.04
C LEU A 468 18.88 8.99 -5.74
N SER A 469 17.86 9.56 -6.39
CA SER A 469 17.98 10.85 -7.06
C SER A 469 17.55 11.92 -6.08
N GLU A 470 17.86 13.18 -6.39
CA GLU A 470 17.62 14.29 -5.48
C GLU A 470 16.83 15.38 -6.16
N LEU A 471 15.80 15.86 -5.46
CA LEU A 471 14.98 16.97 -5.95
C LEU A 471 15.85 18.21 -6.13
N SER A 472 15.66 18.92 -7.23
CA SER A 472 16.19 20.29 -7.33
C SER A 472 15.32 21.18 -6.50
N ASP A 473 15.81 22.41 -6.29
CA ASP A 473 15.09 23.41 -5.53
C ASP A 473 13.73 23.69 -6.11
N ASP A 474 13.64 23.84 -7.42
CA ASP A 474 12.37 24.14 -8.08
C ASP A 474 11.43 22.97 -7.94
N GLN A 475 11.97 21.77 -8.11
CA GLN A 475 11.19 20.56 -7.95
C GLN A 475 10.69 20.44 -6.53
N ALA A 476 11.55 20.67 -5.54
CA ALA A 476 11.10 20.64 -4.17
C ALA A 476 9.95 21.65 -3.92
N ALA A 477 10.12 22.88 -4.38
CA ALA A 477 9.05 23.88 -4.31
C ALA A 477 7.81 23.43 -5.10
N TYR A 478 8.01 22.84 -6.27
CA TYR A 478 6.87 22.47 -7.10
C TYR A 478 5.95 21.42 -6.42
N ILE A 479 6.50 20.46 -5.70
CA ILE A 479 5.64 19.45 -5.12
C ILE A 479 5.47 19.72 -3.64
N GLY A 480 6.08 20.79 -3.15
CA GLY A 480 5.85 21.25 -1.78
C GLY A 480 6.41 20.33 -0.73
N VAL A 481 7.64 19.89 -0.93
CA VAL A 481 8.28 19.07 0.05
C VAL A 481 9.68 19.61 0.15
N SER A 482 10.33 19.31 1.25
CA SER A 482 11.77 19.55 1.42
C SER A 482 12.63 18.54 0.65
N LYS A 483 13.83 18.96 0.26
CA LYS A 483 14.79 18.08 -0.40
C LYS A 483 15.16 16.91 0.47
N ALA A 484 15.19 17.10 1.78
CA ALA A 484 15.58 16.06 2.74
C ALA A 484 14.36 15.17 3.08
N GLY A 485 13.20 15.56 2.57
CA GLY A 485 11.97 14.86 2.88
C GLY A 485 11.48 15.29 4.24
N PRO A 486 10.41 14.67 4.71
CA PRO A 486 9.77 13.52 4.09
C PRO A 486 9.03 13.86 2.82
N PHE A 487 8.77 12.83 2.02
CA PHE A 487 8.36 13.02 0.62
C PHE A 487 6.88 12.78 0.34
N LYS A 488 6.17 12.23 1.32
CA LYS A 488 4.80 11.77 1.16
C LYS A 488 3.97 12.22 2.35
N PRO A 489 2.67 12.39 2.14
CA PRO A 489 1.79 12.68 3.25
C PRO A 489 1.57 11.45 4.10
N ASP A 490 1.16 11.67 5.36
CA ASP A 490 1.08 10.58 6.35
C ASP A 490 0.08 9.51 5.96
N HIS A 491 -0.95 9.86 5.22
CA HIS A 491 -1.87 8.84 4.72
C HIS A 491 -1.35 8.03 3.53
N TYR A 492 -0.19 8.36 2.97
CA TYR A 492 0.30 7.65 1.79
C TYR A 492 0.49 6.15 2.05
N ARG A 493 -0.01 5.34 1.13
CA ARG A 493 -0.08 3.88 1.29
C ARG A 493 1.04 3.11 0.63
N TYR A 494 1.81 3.79 -0.21
CA TYR A 494 2.93 3.16 -0.96
C TYR A 494 2.43 1.96 -1.72
N GLN B 33 -26.80 25.90 -30.35
CA GLN B 33 -25.91 24.70 -30.12
C GLN B 33 -25.00 24.84 -28.87
N ASP B 34 -25.49 24.35 -27.74
CA ASP B 34 -24.79 24.49 -26.45
C ASP B 34 -23.83 23.28 -26.25
N TYR B 35 -22.77 23.27 -27.04
CA TYR B 35 -21.73 22.24 -27.01
C TYR B 35 -20.73 22.56 -28.11
N VAL B 36 -19.54 21.97 -27.96
CA VAL B 36 -18.50 21.94 -28.98
C VAL B 36 -17.83 20.57 -28.90
N VAL B 37 -18.04 19.76 -29.93
CA VAL B 37 -17.44 18.46 -30.11
C VAL B 37 -17.03 18.31 -31.59
N ALA B 38 -16.24 17.29 -31.89
CA ALA B 38 -15.60 17.12 -33.20
C ALA B 38 -16.64 16.87 -34.30
N ASP B 39 -17.59 16.00 -34.03
CA ASP B 39 -18.49 15.50 -35.06
C ASP B 39 -19.64 14.74 -34.40
N ILE B 40 -20.82 15.37 -34.32
CA ILE B 40 -22.00 14.75 -33.73
C ILE B 40 -22.37 13.39 -34.38
N ALA B 41 -21.93 13.15 -35.62
CA ALA B 41 -22.28 11.89 -36.29
C ALA B 41 -21.58 10.65 -35.72
N LEU B 42 -20.59 10.87 -34.84
CA LEU B 42 -19.90 9.76 -34.18
C LEU B 42 -20.74 9.21 -33.03
N ALA B 43 -21.95 9.78 -32.83
CA ALA B 43 -22.80 9.40 -31.69
C ALA B 43 -23.23 7.94 -31.62
N GLY B 44 -23.70 7.40 -32.74
CA GLY B 44 -24.08 5.99 -32.80
C GLY B 44 -22.97 5.09 -32.29
N TRP B 45 -21.76 5.36 -32.75
CA TRP B 45 -20.59 4.57 -32.34
C TRP B 45 -20.38 4.77 -30.84
N GLY B 46 -20.31 6.00 -30.38
CA GLY B 46 -20.18 6.26 -28.94
C GLY B 46 -21.18 5.49 -28.08
N ARG B 47 -22.45 5.48 -28.51
CA ARG B 47 -23.53 4.81 -27.77
C ARG B 47 -23.33 3.30 -27.73
N LYS B 48 -22.90 2.72 -28.84
CA LYS B 48 -22.67 1.27 -28.84
C LYS B 48 -21.65 0.93 -27.80
N GLU B 49 -20.59 1.76 -27.72
CA GLU B 49 -19.52 1.54 -26.77
C GLU B 49 -19.90 1.92 -25.33
N LEU B 50 -20.76 2.91 -25.14
CA LEU B 50 -21.31 3.13 -23.82
C LEU B 50 -22.14 1.92 -23.34
N ASN B 51 -22.91 1.33 -24.25
CA ASN B 51 -23.69 0.14 -23.90
C ASN B 51 -22.78 -0.95 -23.35
N ILE B 52 -21.68 -1.21 -24.05
CA ILE B 52 -20.72 -2.21 -23.63
C ILE B 52 -20.09 -1.81 -22.31
N ALA B 53 -19.67 -0.56 -22.22
CA ALA B 53 -18.98 -0.13 -21.03
C ALA B 53 -19.84 -0.37 -19.76
N GLU B 54 -21.17 -0.24 -19.87
CA GLU B 54 -22.05 -0.47 -18.70
C GLU B 54 -21.86 -1.88 -18.18
N THR B 55 -21.76 -2.86 -19.08
CA THR B 55 -21.53 -4.24 -18.63
C THR B 55 -20.15 -4.42 -18.01
N GLU B 56 -19.24 -3.46 -18.24
CA GLU B 56 -17.91 -3.49 -17.63
C GLU B 56 -17.77 -2.57 -16.42
N MET B 57 -18.85 -1.88 -16.03
CA MET B 57 -18.76 -0.86 -15.00
C MET B 57 -19.85 -1.11 -13.97
N PRO B 58 -19.80 -2.29 -13.32
CA PRO B 58 -20.87 -2.72 -12.39
C PRO B 58 -21.02 -1.79 -11.20
N GLY B 59 -19.94 -1.13 -10.81
CA GLY B 59 -20.08 -0.14 -9.72
C GLY B 59 -21.04 1.01 -10.07
N LEU B 60 -20.86 1.56 -11.27
CA LEU B 60 -21.72 2.65 -11.70
C LEU B 60 -23.12 2.14 -11.91
N VAL B 61 -23.29 0.98 -12.54
CA VAL B 61 -24.63 0.51 -12.84
C VAL B 61 -25.42 0.22 -11.53
N GLN B 62 -24.76 -0.42 -10.58
CA GLN B 62 -25.44 -0.80 -9.32
C GLN B 62 -25.75 0.41 -8.44
N ILE B 63 -24.86 1.41 -8.47
CA ILE B 63 -25.15 2.69 -7.85
C ILE B 63 -26.30 3.47 -8.55
N ARG B 64 -26.40 3.43 -9.87
CA ARG B 64 -27.59 4.00 -10.52
C ARG B 64 -28.81 3.38 -9.87
N ASP B 65 -28.86 2.05 -9.86
CA ASP B 65 -30.07 1.32 -9.47
C ASP B 65 -30.38 1.51 -8.00
N GLU B 66 -29.36 1.53 -7.14
CA GLU B 66 -29.61 1.70 -5.72
C GLU B 66 -30.29 3.07 -5.38
N TYR B 67 -29.98 4.10 -6.15
CA TYR B 67 -30.25 5.48 -5.73
C TYR B 67 -31.24 6.23 -6.64
N LYS B 68 -31.63 5.63 -7.76
CA LYS B 68 -32.46 6.32 -8.75
C LYS B 68 -33.82 6.72 -8.16
N ALA B 69 -34.44 5.88 -7.34
CA ALA B 69 -35.70 6.21 -6.63
C ALA B 69 -35.54 7.47 -5.77
N GLN B 70 -34.45 7.57 -5.06
CA GLN B 70 -34.21 8.67 -4.15
C GLN B 70 -33.92 9.99 -4.89
N GLN B 71 -33.40 9.90 -6.11
CA GLN B 71 -32.98 11.07 -6.89
C GLN B 71 -32.15 12.06 -6.05
N PRO B 72 -31.11 11.56 -5.37
CA PRO B 72 -30.23 12.35 -4.51
C PRO B 72 -29.51 13.51 -5.18
N LEU B 73 -29.33 13.47 -6.52
CA LEU B 73 -28.66 14.61 -7.18
C LEU B 73 -29.63 15.59 -7.84
N LYS B 74 -30.93 15.47 -7.53
CA LYS B 74 -31.93 16.46 -7.98
C LYS B 74 -31.61 17.86 -7.42
N GLY B 75 -31.43 18.84 -8.29
CA GLY B 75 -30.97 20.18 -7.92
C GLY B 75 -29.45 20.36 -7.93
N ALA B 76 -28.70 19.26 -8.17
CA ALA B 76 -27.24 19.36 -8.35
C ALA B 76 -26.98 19.82 -9.77
N ARG B 77 -26.08 20.80 -9.92
CA ARG B 77 -25.65 21.27 -11.23
C ARG B 77 -24.15 21.12 -11.25
N ILE B 78 -23.70 20.08 -11.92
CA ILE B 78 -22.32 19.63 -11.79
C ILE B 78 -21.54 20.11 -12.99
N ALA B 79 -20.52 20.91 -12.73
CA ALA B 79 -19.54 21.33 -13.73
C ALA B 79 -18.48 20.28 -13.63
N GLY B 80 -18.29 19.50 -14.69
CA GLY B 80 -17.20 18.52 -14.72
C GLY B 80 -16.02 18.85 -15.63
N SER B 81 -14.81 18.68 -15.12
CA SER B 81 -13.62 18.81 -15.93
C SER B 81 -12.85 17.50 -15.85
N LEU B 82 -12.98 16.67 -16.90
CA LEU B 82 -12.43 15.32 -16.83
C LEU B 82 -12.42 14.65 -18.18
N HIS B 83 -11.27 14.09 -18.54
CA HIS B 83 -11.16 13.29 -19.75
C HIS B 83 -12.48 12.75 -20.26
N MET B 84 -12.89 13.26 -21.41
CA MET B 84 -14.18 12.96 -22.01
C MET B 84 -14.11 11.68 -22.78
N THR B 85 -13.99 10.58 -22.03
CA THR B 85 -13.88 9.25 -22.58
C THR B 85 -15.23 8.56 -22.51
N ILE B 86 -15.29 7.39 -23.12
CA ILE B 86 -16.41 6.52 -22.98
C ILE B 86 -16.70 6.28 -21.47
N GLN B 87 -15.62 6.15 -20.68
CA GLN B 87 -15.75 5.78 -19.27
C GLN B 87 -16.40 6.94 -18.51
N THR B 88 -15.96 8.14 -18.84
CA THR B 88 -16.54 9.32 -18.24
C THR B 88 -18.00 9.49 -18.68
N GLY B 89 -18.34 9.02 -19.86
CA GLY B 89 -19.67 9.14 -20.35
C GLY B 89 -20.58 8.30 -19.49
N VAL B 90 -20.13 7.12 -19.07
CA VAL B 90 -20.97 6.28 -18.19
C VAL B 90 -21.14 6.94 -16.83
N LEU B 91 -20.10 7.62 -16.36
CA LEU B 91 -20.19 8.41 -15.14
C LEU B 91 -21.24 9.53 -15.28
N ILE B 92 -21.10 10.33 -16.32
CA ILE B 92 -21.99 11.46 -16.55
C ILE B 92 -23.42 10.99 -16.51
N GLU B 93 -23.71 9.90 -17.21
CA GLU B 93 -25.10 9.47 -17.27
C GLU B 93 -25.55 8.81 -15.96
N THR B 94 -24.60 8.40 -15.11
CA THR B 94 -24.94 7.93 -13.77
C THR B 94 -25.38 9.14 -12.94
N LEU B 95 -24.58 10.19 -12.99
CA LEU B 95 -24.95 11.42 -12.31
C LEU B 95 -26.36 11.86 -12.78
N LYS B 96 -26.62 11.79 -14.08
CA LYS B 96 -27.91 12.26 -14.58
C LYS B 96 -29.08 11.34 -14.15
N ALA B 97 -28.84 10.04 -14.15
CA ALA B 97 -29.82 9.10 -13.72
C ALA B 97 -30.23 9.37 -12.25
N LEU B 98 -29.32 9.95 -11.47
CA LEU B 98 -29.54 10.22 -10.08
C LEU B 98 -30.14 11.62 -9.85
N GLY B 99 -30.33 12.35 -10.96
CA GLY B 99 -31.08 13.60 -10.98
C GLY B 99 -30.23 14.82 -11.31
N ALA B 100 -28.93 14.63 -11.49
CA ALA B 100 -28.07 15.81 -11.74
C ALA B 100 -28.30 16.43 -13.13
N ASP B 101 -28.13 17.72 -13.20
CA ASP B 101 -27.99 18.40 -14.45
C ASP B 101 -26.44 18.60 -14.56
N VAL B 102 -25.92 18.43 -15.76
CA VAL B 102 -24.46 18.33 -15.91
C VAL B 102 -23.95 19.13 -17.12
N ARG B 103 -22.84 19.84 -16.94
CA ARG B 103 -22.09 20.41 -18.07
C ARG B 103 -20.64 19.92 -17.99
N TRP B 104 -20.02 19.62 -19.13
CA TRP B 104 -18.74 18.89 -19.11
C TRP B 104 -17.71 19.41 -20.08
N ALA B 105 -16.47 19.49 -19.60
CA ALA B 105 -15.31 19.71 -20.44
C ALA B 105 -14.28 18.58 -20.16
N SER B 106 -13.28 18.43 -21.00
CA SER B 106 -12.16 17.55 -20.74
C SER B 106 -11.09 18.25 -19.93
N CYS B 107 -10.31 17.49 -19.15
CA CYS B 107 -9.15 18.04 -18.45
C CYS B 107 -7.84 17.84 -19.21
N ASN B 108 -7.90 17.46 -20.46
CA ASN B 108 -6.68 17.45 -21.31
C ASN B 108 -7.06 17.65 -22.74
N ILE B 109 -6.21 18.36 -23.48
CA ILE B 109 -6.53 18.74 -24.86
C ILE B 109 -6.54 17.51 -25.78
N PHE B 110 -5.91 16.42 -25.35
CA PHE B 110 -5.80 15.23 -26.18
C PHE B 110 -6.54 14.02 -25.70
N SER B 111 -7.24 14.11 -24.56
CA SER B 111 -7.78 12.91 -23.93
C SER B 111 -9.20 12.56 -24.37
N THR B 112 -9.85 13.47 -25.06
CA THR B 112 -11.22 13.23 -25.46
C THR B 112 -11.31 12.10 -26.45
N GLN B 113 -12.31 11.23 -26.28
CA GLN B 113 -12.71 10.34 -27.31
C GLN B 113 -13.97 10.91 -27.96
N ASP B 114 -13.80 11.35 -29.20
CA ASP B 114 -14.82 12.18 -29.87
C ASP B 114 -16.18 11.50 -30.02
N HIS B 115 -16.17 10.19 -30.24
CA HIS B 115 -17.38 9.48 -30.29
C HIS B 115 -18.05 9.38 -28.90
N ALA B 116 -17.28 9.35 -27.80
CA ALA B 116 -17.87 9.46 -26.47
C ALA B 116 -18.58 10.83 -26.33
N ALA B 117 -17.84 11.90 -26.61
CA ALA B 117 -18.40 13.24 -26.55
C ALA B 117 -19.71 13.34 -27.36
N ALA B 118 -19.71 12.80 -28.56
CA ALA B 118 -20.86 12.96 -29.45
C ALA B 118 -22.10 12.29 -28.87
N ALA B 119 -21.93 11.08 -28.37
CA ALA B 119 -23.04 10.30 -27.80
C ALA B 119 -23.61 11.02 -26.57
N ILE B 120 -22.74 11.64 -25.76
CA ILE B 120 -23.21 12.32 -24.55
C ILE B 120 -23.94 13.61 -24.91
N VAL B 121 -23.42 14.34 -25.87
CA VAL B 121 -24.13 15.47 -26.39
C VAL B 121 -25.48 15.08 -26.97
N GLU B 122 -25.50 14.04 -27.80
CA GLU B 122 -26.76 13.53 -28.40
C GLU B 122 -27.80 13.14 -27.37
N ALA B 123 -27.35 12.60 -26.23
CA ALA B 123 -28.26 12.21 -25.15
C ALA B 123 -28.68 13.40 -24.25
N GLY B 124 -28.20 14.60 -24.55
CA GLY B 124 -28.71 15.85 -23.98
C GLY B 124 -27.79 16.63 -23.06
N THR B 125 -26.48 16.31 -23.01
CA THR B 125 -25.57 16.94 -22.04
C THR B 125 -24.65 17.84 -22.83
N PRO B 126 -24.48 19.08 -22.38
CA PRO B 126 -23.47 19.96 -22.97
C PRO B 126 -22.05 19.51 -22.68
N VAL B 127 -21.31 19.27 -23.76
CA VAL B 127 -19.92 18.87 -23.72
C VAL B 127 -19.11 19.87 -24.53
N PHE B 128 -18.03 20.37 -23.95
CA PHE B 128 -17.06 21.22 -24.62
C PHE B 128 -15.71 20.50 -24.57
N ALA B 129 -15.52 19.62 -25.54
CA ALA B 129 -14.40 18.69 -25.56
C ALA B 129 -14.22 18.11 -26.95
N PHE B 130 -13.00 18.26 -27.51
CA PHE B 130 -12.60 17.40 -28.62
C PHE B 130 -11.11 17.02 -28.62
N LYS B 131 -10.78 15.90 -29.25
CA LYS B 131 -9.37 15.49 -29.32
C LYS B 131 -8.65 16.47 -30.23
N GLY B 132 -7.70 17.18 -29.64
CA GLY B 132 -6.83 18.08 -30.35
C GLY B 132 -7.20 19.55 -30.28
N GLU B 133 -8.06 19.90 -29.33
CA GLU B 133 -8.49 21.28 -29.21
C GLU B 133 -7.25 22.06 -28.81
N SER B 134 -7.29 23.37 -29.03
CA SER B 134 -6.14 24.19 -28.69
C SER B 134 -6.18 24.54 -27.22
N LEU B 135 -5.10 25.11 -26.72
CA LEU B 135 -5.04 25.54 -25.36
C LEU B 135 -6.07 26.65 -25.09
N ASP B 136 -6.26 27.56 -26.04
CA ASP B 136 -7.25 28.64 -25.86
C ASP B 136 -8.64 28.05 -25.80
N GLU B 137 -8.85 27.00 -26.59
CA GLU B 137 -10.15 26.36 -26.62
C GLU B 137 -10.36 25.62 -25.30
N TYR B 138 -9.29 25.00 -24.80
CA TYR B 138 -9.35 24.24 -23.59
C TYR B 138 -9.91 25.11 -22.52
N TRP B 139 -9.27 26.25 -22.32
CA TRP B 139 -9.63 27.12 -21.21
C TRP B 139 -10.96 27.80 -21.42
N GLU B 140 -11.30 28.08 -22.66
CA GLU B 140 -12.63 28.58 -22.92
C GLU B 140 -13.65 27.53 -22.50
N PHE B 141 -13.35 26.26 -22.77
CA PHE B 141 -14.27 25.15 -22.42
C PHE B 141 -14.43 24.99 -20.91
N SER B 142 -13.37 25.28 -20.18
CA SER B 142 -13.43 25.34 -18.74
C SER B 142 -14.36 26.46 -18.22
N HIS B 143 -14.55 27.51 -19.01
CA HIS B 143 -15.53 28.53 -18.64
C HIS B 143 -16.92 28.05 -18.96
N ARG B 144 -17.07 27.35 -20.05
CA ARG B 144 -18.41 27.01 -20.52
C ARG B 144 -19.16 26.08 -19.56
N ILE B 145 -18.43 25.23 -18.82
CA ILE B 145 -19.08 24.35 -17.88
C ILE B 145 -19.66 25.18 -16.76
N PHE B 146 -19.28 26.45 -16.69
CA PHE B 146 -19.71 27.33 -15.64
C PHE B 146 -20.74 28.35 -16.13
N GLU B 147 -21.24 28.15 -17.34
CA GLU B 147 -22.21 29.04 -17.99
C GLU B 147 -23.52 28.32 -18.14
N TRP B 148 -24.33 28.36 -17.11
CA TRP B 148 -25.60 27.64 -17.15
C TRP B 148 -26.70 28.58 -17.63
N PRO B 149 -27.65 28.04 -18.40
CA PRO B 149 -28.78 28.87 -18.89
C PRO B 149 -29.79 29.20 -17.80
N ASN B 150 -30.73 30.10 -18.14
CA ASN B 150 -31.83 30.51 -17.28
C ASN B 150 -31.42 30.98 -15.91
N GLY B 151 -30.30 31.65 -15.81
CA GLY B 151 -29.92 32.33 -14.62
C GLY B 151 -29.40 31.39 -13.52
N GLU B 152 -29.19 30.10 -13.85
CA GLU B 152 -28.70 29.17 -12.82
C GLU B 152 -27.17 29.17 -12.75
N PHE B 153 -26.66 28.55 -11.68
CA PHE B 153 -25.23 28.40 -11.44
C PHE B 153 -24.90 26.95 -11.14
N ALA B 154 -23.71 26.51 -11.57
CA ALA B 154 -23.18 25.23 -11.10
C ALA B 154 -23.10 25.30 -9.59
N ASN B 155 -23.46 24.22 -8.92
CA ASN B 155 -23.23 24.15 -7.47
C ASN B 155 -22.35 23.01 -7.03
N MET B 156 -21.82 22.24 -7.99
CA MET B 156 -20.85 21.16 -7.70
C MET B 156 -19.77 21.15 -8.81
N ILE B 157 -18.53 20.90 -8.41
CA ILE B 157 -17.47 20.65 -9.36
C ILE B 157 -17.05 19.18 -9.25
N LEU B 158 -16.91 18.51 -10.39
CA LEU B 158 -16.26 17.19 -10.46
C LEU B 158 -15.03 17.41 -11.29
N ASP B 159 -13.87 17.29 -10.64
CA ASP B 159 -12.62 17.79 -11.18
C ASP B 159 -11.64 16.63 -11.28
N ASP B 160 -10.85 16.63 -12.34
CA ASP B 160 -9.70 15.73 -12.46
C ASP B 160 -8.57 16.61 -12.87
N GLY B 161 -7.68 16.86 -11.93
CA GLY B 161 -6.52 17.68 -12.13
C GLY B 161 -6.58 19.06 -11.56
N GLY B 162 -7.78 19.46 -11.10
CA GLY B 162 -7.92 20.71 -10.39
C GLY B 162 -8.10 21.94 -11.26
N ASP B 163 -8.24 21.75 -12.55
CA ASP B 163 -8.35 22.90 -13.45
C ASP B 163 -9.67 23.67 -13.27
N ALA B 164 -10.79 22.99 -13.05
CA ALA B 164 -12.05 23.75 -12.89
C ALA B 164 -12.02 24.54 -11.56
N THR B 165 -11.51 23.88 -10.54
CA THR B 165 -11.30 24.49 -9.26
C THR B 165 -10.34 25.67 -9.42
N LEU B 166 -9.25 25.44 -10.12
CA LEU B 166 -8.26 26.50 -10.28
C LEU B 166 -8.88 27.73 -10.95
N LEU B 167 -9.63 27.51 -12.01
CA LEU B 167 -10.11 28.60 -12.75
C LEU B 167 -10.95 29.51 -11.90
N LEU B 168 -11.86 28.96 -11.10
CA LEU B 168 -12.73 29.81 -10.31
C LEU B 168 -11.93 30.52 -9.27
N ILE B 169 -10.96 29.83 -8.66
CA ILE B 169 -10.22 30.42 -7.56
C ILE B 169 -9.23 31.49 -7.99
N LEU B 170 -8.54 31.23 -9.09
CA LEU B 170 -7.58 32.18 -9.64
C LEU B 170 -8.35 33.33 -10.28
N GLY B 171 -9.43 33.06 -10.98
CA GLY B 171 -10.24 34.11 -11.59
C GLY B 171 -10.70 35.12 -10.53
N SER B 172 -11.29 34.61 -9.45
CA SER B 172 -11.66 35.44 -8.27
C SER B 172 -10.50 36.24 -7.68
N LYS B 173 -9.33 35.66 -7.51
CA LYS B 173 -8.19 36.50 -7.06
C LYS B 173 -7.91 37.66 -8.03
N ALA B 174 -8.00 37.35 -9.32
CA ALA B 174 -7.70 38.27 -10.39
C ALA B 174 -8.61 39.48 -10.34
N GLU B 175 -9.87 39.24 -9.97
CA GLU B 175 -10.88 40.30 -9.82
C GLU B 175 -10.38 41.43 -8.90
N LYS B 176 -9.67 41.08 -7.85
CA LYS B 176 -9.16 42.04 -6.87
C LYS B 176 -7.69 42.42 -7.07
N ASP B 177 -6.96 41.65 -7.88
CA ASP B 177 -5.52 41.85 -8.06
C ASP B 177 -5.18 41.26 -9.42
N ARG B 178 -5.21 42.10 -10.45
CA ARG B 178 -4.88 41.70 -11.79
C ARG B 178 -3.46 41.17 -11.91
N SER B 179 -2.61 41.43 -10.92
CA SER B 179 -1.21 41.02 -11.01
C SER B 179 -1.06 39.49 -11.01
N VAL B 180 -2.02 38.78 -10.40
CA VAL B 180 -1.97 37.31 -10.40
C VAL B 180 -2.06 36.64 -11.79
N ILE B 181 -2.54 37.37 -12.81
CA ILE B 181 -2.54 36.90 -14.20
C ILE B 181 -1.66 37.75 -15.17
N ALA B 182 -0.67 38.46 -14.61
CA ALA B 182 0.11 39.44 -15.38
C ALA B 182 1.33 38.86 -16.05
N ARG B 183 1.89 37.79 -15.47
CA ARG B 183 3.24 37.33 -15.84
C ARG B 183 3.27 35.81 -16.13
N PRO B 184 2.67 35.37 -17.26
CA PRO B 184 2.67 33.94 -17.60
C PRO B 184 4.07 33.44 -17.97
N THR B 185 4.40 32.26 -17.48
CA THR B 185 5.71 31.68 -17.60
C THR B 185 5.76 30.54 -18.65
N ASN B 186 4.61 30.13 -19.15
CA ASN B 186 4.51 29.01 -20.10
C ASN B 186 3.20 29.11 -20.89
N GLU B 187 3.08 28.31 -21.94
CA GLU B 187 1.98 28.45 -22.88
C GLU B 187 0.63 28.18 -22.17
N GLU B 188 0.62 27.30 -21.16
CA GLU B 188 -0.60 27.01 -20.42
C GLU B 188 -1.06 28.29 -19.74
N GLU B 189 -0.12 28.95 -19.07
CA GLU B 189 -0.44 30.17 -18.37
C GLU B 189 -0.84 31.29 -19.34
N VAL B 190 -0.24 31.34 -20.54
CA VAL B 190 -0.59 32.39 -21.51
C VAL B 190 -2.08 32.23 -21.81
N ALA B 191 -2.50 30.99 -22.08
CA ALA B 191 -3.88 30.69 -22.42
C ALA B 191 -4.88 30.93 -21.28
N LEU B 192 -4.53 30.47 -20.07
CA LEU B 192 -5.37 30.62 -18.87
C LEU B 192 -5.55 32.07 -18.57
N PHE B 193 -4.43 32.77 -18.41
CA PHE B 193 -4.45 34.20 -18.08
C PHE B 193 -5.20 35.00 -19.14
N LYS B 194 -4.95 34.72 -20.42
CA LYS B 194 -5.73 35.38 -21.50
C LYS B 194 -7.25 35.16 -21.34
N SER B 195 -7.65 33.93 -21.00
CA SER B 195 -9.07 33.63 -20.94
C SER B 195 -9.66 34.32 -19.72
N ILE B 196 -8.88 34.46 -18.66
CA ILE B 196 -9.39 35.19 -17.51
C ILE B 196 -9.60 36.66 -17.88
N GLU B 197 -8.63 37.31 -18.55
CA GLU B 197 -8.80 38.72 -18.94
C GLU B 197 -10.09 38.87 -19.69
N ARG B 198 -10.27 37.97 -20.62
CA ARG B 198 -11.33 38.05 -21.58
C ARG B 198 -12.63 37.98 -20.82
N HIS B 199 -12.69 37.15 -19.80
CA HIS B 199 -13.92 37.07 -19.01
C HIS B 199 -14.11 38.21 -18.02
N LEU B 200 -13.01 38.77 -17.51
CA LEU B 200 -13.12 39.91 -16.59
C LEU B 200 -13.62 41.18 -17.35
N GLU B 201 -13.20 41.38 -18.60
CA GLU B 201 -13.77 42.46 -19.43
C GLU B 201 -15.30 42.31 -19.56
N ILE B 202 -15.78 41.08 -19.70
CA ILE B 202 -17.22 40.89 -19.86
C ILE B 202 -17.96 41.23 -18.56
N ASP B 203 -17.46 40.72 -17.44
CA ASP B 203 -18.08 40.86 -16.13
C ASP B 203 -16.96 40.87 -15.08
N GLY B 204 -16.79 41.99 -14.38
CA GLY B 204 -15.72 42.14 -13.41
C GLY B 204 -15.83 41.16 -12.23
N SER B 205 -17.01 40.55 -12.09
CA SER B 205 -17.26 39.62 -11.01
C SER B 205 -17.61 38.21 -11.52
N TRP B 206 -17.11 37.89 -12.73
CA TRP B 206 -17.41 36.63 -13.42
C TRP B 206 -17.20 35.38 -12.55
N TYR B 207 -16.12 35.40 -11.77
CA TYR B 207 -15.63 34.20 -11.09
C TYR B 207 -16.22 34.11 -9.69
N SER B 208 -16.10 35.19 -8.94
CA SER B 208 -16.55 35.24 -7.57
C SER B 208 -18.05 34.94 -7.50
N LYS B 209 -18.81 35.44 -8.47
CA LYS B 209 -20.22 35.18 -8.39
C LYS B 209 -20.53 33.70 -8.60
N ARG B 210 -19.72 33.01 -9.40
CA ARG B 210 -19.95 31.60 -9.69
C ARG B 210 -19.37 30.74 -8.58
N LEU B 211 -18.23 31.17 -8.07
CA LEU B 211 -17.62 30.52 -6.96
C LEU B 211 -18.60 30.43 -5.76
N ALA B 212 -19.31 31.53 -5.47
CA ALA B 212 -20.21 31.61 -4.34
C ALA B 212 -21.24 30.47 -4.32
N HIS B 213 -21.56 29.88 -5.47
CA HIS B 213 -22.58 28.85 -5.53
C HIS B 213 -22.04 27.45 -5.38
N ILE B 214 -20.72 27.28 -5.37
CA ILE B 214 -20.15 25.93 -5.38
C ILE B 214 -20.23 25.33 -3.95
N LYS B 215 -20.88 24.17 -3.85
CA LYS B 215 -21.10 23.52 -2.53
C LYS B 215 -19.87 22.69 -2.20
N GLY B 216 -19.17 22.23 -3.24
CA GLY B 216 -17.90 21.56 -3.05
C GLY B 216 -17.36 20.91 -4.29
N VAL B 217 -16.23 20.22 -4.12
CA VAL B 217 -15.55 19.63 -5.22
C VAL B 217 -15.20 18.20 -4.86
N THR B 218 -15.25 17.32 -5.84
CA THR B 218 -14.70 16.01 -5.70
C THR B 218 -13.57 15.86 -6.75
N GLU B 219 -12.40 15.49 -6.27
CA GLU B 219 -11.18 15.59 -7.07
C GLU B 219 -10.56 14.19 -7.19
N GLU B 220 -10.26 13.85 -8.43
CA GLU B 220 -9.95 12.49 -8.91
C GLU B 220 -8.46 12.10 -8.84
N THR B 221 -7.53 13.03 -9.00
CA THR B 221 -6.18 12.58 -9.25
C THR B 221 -5.17 13.19 -8.32
N THR B 222 -4.07 12.47 -8.17
CA THR B 222 -2.99 12.84 -7.26
C THR B 222 -2.53 14.33 -7.39
N THR B 223 -2.25 14.75 -8.62
CA THR B 223 -1.90 16.16 -8.88
C THR B 223 -3.00 17.14 -8.44
N GLY B 224 -4.25 16.85 -8.76
CA GLY B 224 -5.40 17.66 -8.27
C GLY B 224 -5.56 17.73 -6.75
N VAL B 225 -5.52 16.58 -6.13
CA VAL B 225 -5.57 16.48 -4.68
C VAL B 225 -4.37 17.22 -4.06
N HIS B 226 -3.20 17.15 -4.71
CA HIS B 226 -2.06 17.93 -4.20
C HIS B 226 -2.37 19.44 -4.17
N ARG B 227 -2.97 19.94 -5.24
CA ARG B 227 -3.42 21.35 -5.28
C ARG B 227 -4.40 21.71 -4.14
N LEU B 228 -5.29 20.77 -3.82
CA LEU B 228 -6.26 20.99 -2.76
C LEU B 228 -5.58 21.03 -1.41
N TYR B 229 -4.66 20.10 -1.16
CA TYR B 229 -3.95 20.09 0.12
C TYR B 229 -3.16 21.41 0.29
N GLN B 230 -2.56 21.93 -0.78
CA GLN B 230 -1.81 23.18 -0.67
C GLN B 230 -2.74 24.33 -0.28
N MET B 231 -3.92 24.38 -0.89
CA MET B 231 -4.95 25.39 -0.52
C MET B 231 -5.37 25.22 0.93
N GLU B 232 -5.54 23.97 1.38
CA GLU B 232 -5.83 23.70 2.78
C GLU B 232 -4.70 24.25 3.68
N LYS B 233 -3.45 23.86 3.40
CA LYS B 233 -2.28 24.31 4.19
C LYS B 233 -2.25 25.85 4.24
N ASP B 234 -2.64 26.50 3.14
CA ASP B 234 -2.71 27.97 3.05
C ASP B 234 -4.00 28.64 3.55
N GLY B 235 -5.03 27.89 3.93
CA GLY B 235 -6.35 28.49 4.24
C GLY B 235 -7.07 29.24 3.10
N ARG B 236 -6.81 28.88 1.84
CA ARG B 236 -7.55 29.42 0.69
C ARG B 236 -8.56 28.41 0.09
N LEU B 237 -8.83 27.31 0.78
CA LEU B 237 -9.86 26.36 0.32
C LEU B 237 -11.26 26.87 0.72
N PRO B 238 -12.08 27.25 -0.26
CA PRO B 238 -13.32 27.98 0.04
C PRO B 238 -14.57 27.13 0.16
N PHE B 239 -14.38 25.82 0.09
CA PHE B 239 -15.47 24.86 0.24
C PHE B 239 -14.88 23.50 0.58
N PRO B 240 -15.74 22.56 0.95
CA PRO B 240 -15.22 21.22 1.16
C PRO B 240 -14.85 20.52 -0.11
N ALA B 241 -13.86 19.65 -0.02
CA ALA B 241 -13.44 18.86 -1.14
C ALA B 241 -13.31 17.38 -0.71
N PHE B 242 -13.72 16.49 -1.60
CA PHE B 242 -13.35 15.11 -1.46
C PHE B 242 -12.12 14.78 -2.30
N ASN B 243 -11.15 14.17 -1.64
CA ASN B 243 -10.03 13.52 -2.28
C ASN B 243 -10.47 12.10 -2.67
N VAL B 244 -10.91 11.96 -3.92
CA VAL B 244 -11.32 10.68 -4.44
C VAL B 244 -10.07 9.82 -4.79
N ASN B 245 -8.97 10.48 -5.18
CA ASN B 245 -7.72 9.76 -5.53
C ASN B 245 -7.34 8.78 -4.44
N ASP B 246 -7.41 9.23 -3.19
CA ASP B 246 -6.94 8.39 -2.09
C ASP B 246 -7.97 7.48 -1.45
N SER B 247 -9.13 7.28 -2.06
CA SER B 247 -9.90 6.08 -1.73
C SER B 247 -8.97 4.94 -2.07
N VAL B 248 -8.94 3.93 -1.24
CA VAL B 248 -8.06 2.80 -1.51
C VAL B 248 -8.44 2.26 -2.88
N THR B 249 -9.73 2.16 -3.14
CA THR B 249 -10.21 1.50 -4.33
C THR B 249 -9.91 2.33 -5.59
N LYS B 250 -9.46 3.56 -5.39
CA LYS B 250 -9.00 4.41 -6.49
C LYS B 250 -7.49 4.33 -6.68
N SER B 251 -6.69 4.97 -5.81
CA SER B 251 -5.23 5.00 -5.95
C SER B 251 -4.61 3.63 -6.26
N LYS B 252 -5.02 2.63 -5.50
CA LYS B 252 -4.41 1.32 -5.58
C LYS B 252 -5.01 0.46 -6.68
N PHE B 253 -5.95 0.98 -7.47
CA PHE B 253 -6.54 0.19 -8.54
C PHE B 253 -6.33 0.93 -9.85
N ASP B 254 -6.98 2.06 -9.99
CA ASP B 254 -6.91 2.88 -11.16
C ASP B 254 -5.49 3.28 -11.47
N ASN B 255 -4.81 3.91 -10.53
CA ASN B 255 -3.47 4.42 -10.82
C ASN B 255 -2.53 3.30 -11.19
N LEU B 256 -2.65 2.20 -10.44
CA LEU B 256 -1.80 1.03 -10.55
C LEU B 256 -2.25 0.11 -11.69
N TYR B 257 -3.37 -0.59 -11.55
CA TYR B 257 -3.74 -1.56 -12.58
C TYR B 257 -4.10 -0.88 -13.88
N GLY B 258 -4.64 0.30 -13.81
CA GLY B 258 -5.01 1.02 -15.00
C GLY B 258 -3.78 1.35 -15.87
N CYS B 259 -2.69 1.83 -15.28
CA CYS B 259 -1.49 2.12 -16.05
C CYS B 259 -0.80 0.83 -16.46
N ARG B 260 -0.97 -0.21 -15.65
CA ARG B 260 -0.45 -1.49 -16.01
C ARG B 260 -1.05 -1.96 -17.32
N GLU B 261 -2.27 -1.52 -17.66
CA GLU B 261 -2.81 -1.90 -18.98
C GLU B 261 -2.65 -0.83 -20.04
N SER B 262 -2.74 0.43 -19.67
CA SER B 262 -2.85 1.48 -20.69
C SER B 262 -1.54 2.19 -21.06
N LEU B 263 -0.45 2.06 -20.30
CA LEU B 263 0.79 2.73 -20.68
C LEU B 263 1.27 2.16 -22.01
N VAL B 264 1.44 0.86 -22.05
CA VAL B 264 1.96 0.18 -23.22
C VAL B 264 1.02 0.28 -24.39
N ASP B 265 -0.28 0.31 -24.06
CA ASP B 265 -1.34 0.43 -25.05
C ASP B 265 -1.08 1.75 -25.76
N GLY B 266 -0.84 2.79 -25.01
CA GLY B 266 -0.52 4.09 -25.63
C GLY B 266 0.76 4.14 -26.42
N ILE B 267 1.84 3.61 -25.86
CA ILE B 267 3.13 3.59 -26.55
C ILE B 267 3.07 2.82 -27.85
N LYS B 268 2.41 1.69 -27.83
CA LYS B 268 2.30 0.87 -29.04
C LYS B 268 1.38 1.43 -30.13
N ARG B 269 0.29 2.08 -29.76
CA ARG B 269 -0.59 2.68 -30.78
C ARG B 269 0.18 3.79 -31.44
N ALA B 270 0.98 4.47 -30.65
CA ALA B 270 1.85 5.54 -31.17
C ALA B 270 2.96 5.04 -32.10
N THR B 271 3.71 4.02 -31.67
CA THR B 271 5.01 3.67 -32.26
C THR B 271 5.12 2.22 -32.73
N ASP B 272 4.18 1.37 -32.33
CA ASP B 272 4.25 -0.09 -32.53
C ASP B 272 5.61 -0.70 -32.17
N VAL B 273 6.26 -0.15 -31.15
CA VAL B 273 7.58 -0.63 -30.77
C VAL B 273 7.47 -1.96 -30.04
N MET B 274 8.43 -2.83 -30.30
CA MET B 274 8.68 -3.99 -29.46
C MET B 274 9.11 -3.53 -28.08
N ILE B 275 8.51 -4.11 -27.04
CA ILE B 275 8.98 -3.89 -25.66
C ILE B 275 10.06 -4.91 -25.23
N ALA B 276 9.89 -6.17 -25.60
CA ALA B 276 10.85 -7.17 -25.17
C ALA B 276 12.26 -6.71 -25.57
N GLY B 277 13.20 -6.76 -24.63
CA GLY B 277 14.62 -6.49 -24.89
C GLY B 277 15.03 -5.03 -24.76
N LYS B 278 14.06 -4.14 -24.66
CA LYS B 278 14.35 -2.74 -24.49
C LYS B 278 14.67 -2.43 -23.06
N ILE B 279 15.37 -1.30 -22.86
CA ILE B 279 15.60 -0.76 -21.53
C ILE B 279 14.59 0.37 -21.43
N ALA B 280 13.60 0.20 -20.54
CA ALA B 280 12.57 1.20 -20.28
C ALA B 280 12.87 1.83 -18.91
N VAL B 281 12.90 3.14 -18.86
CA VAL B 281 13.14 3.82 -17.61
C VAL B 281 11.84 4.47 -17.20
N VAL B 282 11.39 4.17 -15.98
CA VAL B 282 10.18 4.79 -15.43
C VAL B 282 10.63 5.75 -14.35
N ALA B 283 10.36 7.03 -14.57
CA ALA B 283 10.71 8.04 -13.58
C ALA B 283 9.51 8.18 -12.65
N GLY B 284 9.71 7.78 -11.40
CA GLY B 284 8.66 7.81 -10.39
C GLY B 284 8.10 6.43 -10.14
N TYR B 285 7.95 6.07 -8.87
CA TYR B 285 7.53 4.72 -8.52
C TYR B 285 6.47 4.77 -7.44
N GLY B 286 5.54 5.69 -7.64
CA GLY B 286 4.26 5.70 -6.90
C GLY B 286 3.36 4.68 -7.54
N ASP B 287 2.06 4.89 -7.38
CA ASP B 287 1.12 3.92 -7.92
C ASP B 287 1.16 3.93 -9.41
N VAL B 288 1.30 5.09 -10.05
CA VAL B 288 1.35 5.11 -11.51
C VAL B 288 2.64 4.40 -12.02
N GLY B 289 3.80 4.75 -11.45
CA GLY B 289 5.07 4.09 -11.86
C GLY B 289 5.09 2.59 -11.62
N LYS B 290 4.51 2.17 -10.51
CA LYS B 290 4.45 0.74 -10.18
C LYS B 290 3.72 0.00 -11.27
N GLY B 291 2.57 0.55 -11.68
CA GLY B 291 1.81 -0.04 -12.78
C GLY B 291 2.58 -0.08 -14.10
N CYS B 292 3.19 1.05 -14.44
CA CYS B 292 4.01 1.15 -15.64
C CYS B 292 5.16 0.18 -15.57
N ALA B 293 5.88 0.20 -14.47
CA ALA B 293 7.02 -0.72 -14.40
C ALA B 293 6.57 -2.17 -14.69
N GLN B 294 5.44 -2.51 -14.13
CA GLN B 294 4.99 -3.88 -14.09
C GLN B 294 4.57 -4.32 -15.50
N SER B 295 4.01 -3.40 -16.26
CA SER B 295 3.64 -3.83 -17.59
C SER B 295 4.83 -3.88 -18.55
N LEU B 296 5.84 -3.03 -18.38
CA LEU B 296 7.02 -3.12 -19.23
C LEU B 296 7.77 -4.43 -18.91
N ARG B 297 7.92 -4.72 -17.63
CA ARG B 297 8.62 -5.93 -17.19
C ARG B 297 7.94 -7.17 -17.72
N GLY B 298 6.63 -7.19 -17.63
CA GLY B 298 5.88 -8.36 -18.06
C GLY B 298 6.14 -8.68 -19.51
N LEU B 299 6.47 -7.68 -20.33
CA LEU B 299 6.66 -7.96 -21.73
C LEU B 299 8.14 -8.20 -22.09
N GLY B 300 9.00 -8.22 -21.06
CA GLY B 300 10.41 -8.59 -21.24
C GLY B 300 11.38 -7.45 -21.45
N ALA B 301 10.96 -6.26 -21.03
CA ALA B 301 11.83 -5.11 -21.00
C ALA B 301 12.66 -5.23 -19.75
N THR B 302 13.85 -4.68 -19.82
CA THR B 302 14.65 -4.38 -18.68
C THR B 302 14.14 -3.07 -18.13
N VAL B 303 13.74 -3.06 -16.86
CA VAL B 303 13.05 -1.89 -16.34
C VAL B 303 13.98 -1.21 -15.37
N TRP B 304 14.22 0.08 -15.59
CA TRP B 304 14.93 0.88 -14.66
C TRP B 304 14.00 1.89 -14.10
N VAL B 305 14.24 2.29 -12.87
CA VAL B 305 13.35 3.20 -12.18
C VAL B 305 14.23 4.28 -11.59
N THR B 306 13.63 5.44 -11.54
CA THR B 306 14.25 6.62 -10.99
C THR B 306 13.32 7.04 -9.83
N GLU B 307 13.87 7.49 -8.70
CA GLU B 307 13.05 7.93 -7.56
C GLU B 307 13.79 8.90 -6.69
N ILE B 308 13.04 9.78 -6.06
CA ILE B 308 13.60 10.64 -5.00
C ILE B 308 13.23 10.12 -3.60
N ASP B 309 12.26 9.20 -3.54
CA ASP B 309 11.78 8.67 -2.28
C ASP B 309 12.44 7.33 -2.01
N PRO B 310 13.17 7.20 -0.89
CA PRO B 310 13.94 5.95 -0.72
C PRO B 310 13.03 4.76 -0.42
N ILE B 311 11.87 5.02 0.16
CA ILE B 311 10.99 3.88 0.40
C ILE B 311 10.57 3.32 -0.91
N CYS B 312 10.12 4.18 -1.82
CA CYS B 312 9.65 3.71 -3.15
C CYS B 312 10.79 3.14 -3.98
N ALA B 313 11.97 3.74 -3.82
CA ALA B 313 13.21 3.22 -4.49
C ALA B 313 13.45 1.80 -4.03
N LEU B 314 13.38 1.58 -2.73
CA LEU B 314 13.63 0.22 -2.20
C LEU B 314 12.58 -0.77 -2.69
N GLN B 315 11.31 -0.36 -2.77
CA GLN B 315 10.28 -1.23 -3.35
C GLN B 315 10.66 -1.65 -4.77
N ALA B 316 11.02 -0.67 -5.59
CA ALA B 316 11.45 -0.94 -6.97
C ALA B 316 12.62 -1.91 -6.98
N ALA B 317 13.61 -1.68 -6.14
CA ALA B 317 14.75 -2.56 -6.13
C ALA B 317 14.30 -3.94 -5.73
N MET B 318 13.35 -4.02 -4.80
CA MET B 318 12.87 -5.34 -4.34
C MET B 318 12.12 -6.09 -5.40
N GLU B 319 11.66 -5.42 -6.47
CA GLU B 319 11.09 -6.15 -7.59
C GLU B 319 12.06 -6.49 -8.66
N GLY B 320 13.34 -6.19 -8.47
CA GLY B 320 14.31 -6.47 -9.50
C GLY B 320 14.58 -5.33 -10.45
N TYR B 321 14.04 -4.16 -10.21
CA TYR B 321 14.27 -3.04 -11.13
C TYR B 321 15.53 -2.35 -10.62
N ARG B 322 16.41 -1.93 -11.52
CA ARG B 322 17.60 -1.18 -11.12
C ARG B 322 17.11 0.24 -10.88
N VAL B 323 17.53 0.86 -9.78
CA VAL B 323 17.16 2.20 -9.50
C VAL B 323 18.32 3.09 -9.92
N VAL B 324 18.08 3.99 -10.88
CA VAL B 324 19.18 4.78 -11.44
C VAL B 324 18.75 6.23 -11.52
N THR B 325 19.72 7.12 -11.73
CA THR B 325 19.42 8.52 -11.97
C THR B 325 19.05 8.72 -13.45
N MET B 326 18.26 9.75 -13.73
CA MET B 326 17.94 10.07 -15.10
C MET B 326 19.22 10.42 -15.89
N GLU B 327 20.19 11.08 -15.24
CA GLU B 327 21.45 11.40 -15.94
C GLU B 327 22.14 10.09 -16.40
N TYR B 328 22.14 9.07 -15.55
CA TYR B 328 22.70 7.78 -15.91
C TYR B 328 21.93 7.09 -17.00
N ALA B 329 20.61 7.18 -16.97
CA ALA B 329 19.75 6.53 -18.01
C ALA B 329 19.70 7.19 -19.39
N ALA B 330 19.82 8.51 -19.44
CA ALA B 330 19.52 9.27 -20.66
C ALA B 330 20.24 8.76 -21.91
N ASP B 331 21.49 8.29 -21.79
CA ASP B 331 22.21 7.91 -22.98
C ASP B 331 22.15 6.43 -23.23
N LYS B 332 21.40 5.69 -22.38
CA LYS B 332 21.38 4.23 -22.46
C LYS B 332 20.02 3.60 -22.77
N ALA B 333 18.94 4.18 -22.30
CA ALA B 333 17.66 3.56 -22.45
C ALA B 333 16.98 3.82 -23.79
N ASP B 334 15.99 2.97 -24.07
CA ASP B 334 15.24 2.99 -25.28
C ASP B 334 13.94 3.74 -25.13
N ILE B 335 13.30 3.59 -23.97
CA ILE B 335 11.94 4.12 -23.77
C ILE B 335 11.99 4.87 -22.45
N PHE B 336 11.50 6.09 -22.42
CA PHE B 336 11.43 6.89 -21.18
C PHE B 336 10.00 7.22 -20.89
N VAL B 337 9.61 7.05 -19.63
CA VAL B 337 8.26 7.29 -19.15
C VAL B 337 8.29 8.10 -17.85
N THR B 338 7.78 9.31 -17.85
CA THR B 338 7.68 10.09 -16.60
C THR B 338 6.34 9.81 -15.87
N ALA B 339 6.42 9.50 -14.58
CA ALA B 339 5.23 9.16 -13.79
C ALA B 339 5.33 9.79 -12.41
N THR B 340 5.79 11.03 -12.36
CA THR B 340 6.13 11.70 -11.09
C THR B 340 5.15 12.73 -10.58
N GLY B 341 4.40 13.39 -11.45
CA GLY B 341 3.60 14.56 -11.02
C GLY B 341 4.53 15.72 -10.74
N ASN B 342 5.80 15.62 -11.10
CA ASN B 342 6.77 16.68 -10.84
C ASN B 342 7.13 17.49 -12.14
N TYR B 343 8.13 18.35 -12.05
CA TYR B 343 8.48 19.31 -13.10
C TYR B 343 9.84 18.98 -13.70
N HIS B 344 9.87 18.94 -15.01
CA HIS B 344 11.11 18.77 -15.75
C HIS B 344 11.91 17.59 -15.26
N VAL B 345 11.26 16.42 -15.24
CA VAL B 345 11.91 15.20 -14.83
C VAL B 345 12.77 14.67 -15.98
N ILE B 346 12.35 14.97 -17.19
CA ILE B 346 13.19 14.82 -18.39
C ILE B 346 13.43 16.17 -19.00
N ASN B 347 14.67 16.60 -18.99
CA ASN B 347 14.98 17.98 -19.38
C ASN B 347 15.75 18.01 -20.71
N HIS B 348 16.17 19.20 -21.13
CA HIS B 348 16.73 19.37 -22.47
C HIS B 348 17.96 18.50 -22.60
N ASP B 349 18.80 18.50 -21.59
CA ASP B 349 20.04 17.75 -21.67
C ASP B 349 19.89 16.22 -21.67
N HIS B 350 18.85 15.70 -21.01
CA HIS B 350 18.57 14.27 -21.04
C HIS B 350 18.27 13.91 -22.49
N MET B 351 17.38 14.69 -23.11
CA MET B 351 16.96 14.41 -24.47
C MET B 351 18.12 14.58 -25.51
N LYS B 352 18.96 15.56 -25.27
CA LYS B 352 20.11 15.76 -26.12
C LYS B 352 21.02 14.53 -26.11
N ALA B 353 21.04 13.79 -25.00
CA ALA B 353 21.90 12.61 -24.84
C ALA B 353 21.27 11.34 -25.33
N MET B 354 19.98 11.35 -25.64
CA MET B 354 19.34 10.10 -25.96
C MET B 354 19.82 9.51 -27.25
N ARG B 355 19.72 8.20 -27.33
CA ARG B 355 19.99 7.53 -28.55
C ARG B 355 18.94 7.84 -29.62
N HIS B 356 19.36 7.63 -30.86
CA HIS B 356 18.48 7.83 -31.98
C HIS B 356 17.19 6.99 -31.91
N ASN B 357 16.06 7.66 -32.09
CA ASN B 357 14.72 7.04 -31.96
C ASN B 357 14.35 6.45 -30.55
N ALA B 358 14.95 6.99 -29.52
CA ALA B 358 14.47 6.83 -28.16
C ALA B 358 13.04 7.32 -28.17
N ILE B 359 12.15 6.60 -27.48
CA ILE B 359 10.77 7.01 -27.25
C ILE B 359 10.62 7.65 -25.87
N VAL B 360 10.04 8.86 -25.85
CA VAL B 360 9.86 9.64 -24.66
C VAL B 360 8.37 9.97 -24.47
N CYS B 361 7.81 9.62 -23.30
CA CYS B 361 6.40 9.92 -23.01
C CYS B 361 6.18 10.26 -21.56
N ASN B 362 5.00 10.80 -21.28
CA ASN B 362 4.62 11.16 -19.96
C ASN B 362 3.24 10.60 -19.70
N ILE B 363 3.06 10.01 -18.49
CA ILE B 363 1.80 9.43 -18.08
C ILE B 363 1.30 10.15 -16.82
N GLY B 364 2.10 11.10 -16.32
CA GLY B 364 1.70 12.02 -15.27
C GLY B 364 0.66 13.02 -15.75
N HIS B 365 -0.03 13.66 -14.81
CA HIS B 365 -1.16 14.46 -15.20
C HIS B 365 -0.82 15.64 -16.16
N PHE B 366 0.33 16.29 -15.95
CA PHE B 366 0.69 17.48 -16.73
C PHE B 366 1.89 17.23 -17.59
N ASP B 367 1.92 17.91 -18.74
CA ASP B 367 2.99 17.75 -19.68
C ASP B 367 4.33 18.35 -19.23
N SER B 368 4.30 19.15 -18.19
CA SER B 368 5.52 19.78 -17.72
C SER B 368 6.51 18.78 -17.10
N GLU B 369 6.15 17.51 -17.01
CA GLU B 369 7.15 16.51 -16.58
C GLU B 369 8.36 16.47 -17.50
N ILE B 370 8.10 16.74 -18.79
CA ILE B 370 9.12 16.80 -19.83
C ILE B 370 9.30 18.26 -20.31
N ASP B 371 10.53 18.77 -20.40
CA ASP B 371 10.71 20.17 -20.87
C ASP B 371 10.57 20.19 -22.42
N VAL B 372 9.35 20.01 -22.87
CA VAL B 372 9.10 19.99 -24.26
C VAL B 372 9.46 21.37 -24.84
N ALA B 373 9.26 22.44 -24.08
CA ALA B 373 9.35 23.75 -24.63
C ALA B 373 10.78 24.04 -25.08
N SER B 374 11.75 23.39 -24.42
CA SER B 374 13.14 23.54 -24.73
C SER B 374 13.61 22.85 -26.00
N THR B 375 12.73 22.07 -26.63
CA THR B 375 13.07 21.38 -27.86
C THR B 375 12.45 22.05 -29.09
N ARG B 376 11.67 23.09 -28.87
CA ARG B 376 10.95 23.75 -29.97
C ARG B 376 11.90 24.43 -30.93
N GLN B 377 13.04 24.89 -30.41
CA GLN B 377 14.10 25.46 -31.24
C GLN B 377 14.56 24.47 -32.34
N TYR B 378 14.46 23.17 -32.08
CA TYR B 378 14.88 22.16 -33.06
C TYR B 378 13.81 21.94 -34.11
N GLN B 379 14.21 21.38 -35.23
CA GLN B 379 13.25 21.06 -36.26
C GLN B 379 12.46 19.86 -35.78
N TRP B 380 11.14 19.95 -35.88
CA TRP B 380 10.27 18.81 -35.63
C TRP B 380 9.81 18.29 -36.97
N GLU B 381 9.48 17.02 -36.98
CA GLU B 381 8.80 16.41 -38.08
C GLU B 381 7.74 15.50 -37.47
N ASN B 382 6.49 15.86 -37.72
CA ASN B 382 5.37 15.01 -37.40
C ASN B 382 5.34 13.66 -38.14
N ILE B 383 5.14 12.59 -37.39
CA ILE B 383 5.03 11.24 -37.92
C ILE B 383 3.55 11.00 -38.16
N LYS B 384 2.73 11.19 -37.12
CA LYS B 384 1.25 11.08 -37.22
C LYS B 384 0.71 11.87 -36.02
N PRO B 385 -0.61 12.03 -35.90
CA PRO B 385 -1.06 12.83 -34.75
C PRO B 385 -0.53 12.30 -33.41
N GLN B 386 -0.01 13.18 -32.54
CA GLN B 386 0.58 12.78 -31.25
C GLN B 386 1.89 11.93 -31.28
N VAL B 387 2.57 11.84 -32.43
CA VAL B 387 3.86 11.16 -32.52
C VAL B 387 4.77 12.09 -33.34
N ASP B 388 5.74 12.71 -32.69
CA ASP B 388 6.63 13.66 -33.33
C ASP B 388 8.11 13.33 -33.19
N HIS B 389 8.87 13.63 -34.25
CA HIS B 389 10.28 13.51 -34.21
C HIS B 389 10.87 14.85 -33.89
N ILE B 390 11.75 14.89 -32.90
CA ILE B 390 12.49 16.06 -32.58
C ILE B 390 13.91 15.78 -33.11
N ILE B 391 14.38 16.58 -34.06
CA ILE B 391 15.62 16.33 -34.76
C ILE B 391 16.67 17.22 -34.16
N PHE B 392 17.62 16.62 -33.45
CA PHE B 392 18.70 17.39 -32.87
C PHE B 392 19.73 17.75 -33.95
N PRO B 393 20.60 18.73 -33.68
CA PRO B 393 21.52 19.25 -34.69
C PRO B 393 22.53 18.25 -35.23
N ASP B 394 22.75 17.15 -34.53
CA ASP B 394 23.63 16.10 -35.03
C ASP B 394 22.87 15.05 -35.78
N GLY B 395 21.56 15.27 -36.00
CA GLY B 395 20.75 14.35 -36.76
C GLY B 395 20.05 13.29 -35.91
N LYS B 396 20.40 13.18 -34.64
CA LYS B 396 19.79 12.22 -33.78
C LYS B 396 18.35 12.67 -33.52
N ARG B 397 17.40 11.75 -33.61
CA ARG B 397 16.00 12.07 -33.37
C ARG B 397 15.43 11.37 -32.13
N VAL B 398 14.61 12.08 -31.38
CA VAL B 398 13.81 11.53 -30.29
C VAL B 398 12.36 11.48 -30.75
N ILE B 399 11.66 10.41 -30.38
CA ILE B 399 10.25 10.24 -30.70
C ILE B 399 9.48 10.60 -29.46
N LEU B 400 8.82 11.74 -29.55
CA LEU B 400 8.05 12.29 -28.44
C LEU B 400 6.58 11.95 -28.66
N LEU B 401 5.92 11.53 -27.59
CA LEU B 401 4.54 11.11 -27.71
C LEU B 401 3.60 12.12 -27.10
N ALA B 402 2.55 12.46 -27.87
CA ALA B 402 1.48 13.34 -27.43
C ALA B 402 2.01 14.67 -26.92
N GLU B 403 3.10 15.17 -27.50
CA GLU B 403 3.72 16.43 -27.09
C GLU B 403 3.89 16.49 -25.57
N GLY B 404 4.15 15.32 -24.98
CA GLY B 404 4.32 15.23 -23.52
C GLY B 404 3.05 15.10 -22.68
N ARG B 405 1.88 15.17 -23.30
CA ARG B 405 0.61 15.09 -22.59
C ARG B 405 0.38 13.63 -22.25
N LEU B 406 -0.48 13.35 -21.26
CA LEU B 406 -0.62 11.98 -20.76
C LEU B 406 -0.75 10.99 -21.89
N VAL B 407 0.16 10.02 -21.93
CA VAL B 407 0.29 9.18 -23.11
C VAL B 407 -0.82 8.14 -23.26
N ASN B 408 -1.29 7.59 -22.17
CA ASN B 408 -2.36 6.58 -22.26
C ASN B 408 -3.67 7.18 -22.80
N LEU B 409 -4.01 8.37 -22.36
CA LEU B 409 -5.24 9.02 -22.86
C LEU B 409 -4.99 9.69 -24.23
N GLY B 410 -3.76 10.14 -24.44
CA GLY B 410 -3.40 10.82 -25.66
C GLY B 410 -3.15 9.99 -26.90
N CYS B 411 -2.47 8.85 -26.75
CA CYS B 411 -2.24 7.93 -27.87
C CYS B 411 -3.15 6.68 -27.83
N ALA B 412 -3.90 6.49 -26.76
CA ALA B 412 -4.80 5.35 -26.64
C ALA B 412 -6.11 5.84 -26.04
N THR B 413 -6.73 5.07 -25.15
CA THR B 413 -8.04 5.41 -24.59
C THR B 413 -8.01 5.43 -23.09
N GLY B 414 -6.84 5.62 -22.52
CA GLY B 414 -6.77 5.68 -21.07
C GLY B 414 -7.07 4.32 -20.49
N HIS B 415 -7.32 4.29 -19.19
CA HIS B 415 -7.64 3.02 -18.52
C HIS B 415 -8.89 2.42 -19.08
N PRO B 416 -9.00 1.10 -19.00
CA PRO B 416 -10.22 0.43 -19.39
C PRO B 416 -11.39 0.67 -18.44
N SER B 417 -12.60 0.49 -18.98
CA SER B 417 -13.84 0.67 -18.24
C SER B 417 -13.84 0.02 -16.84
N PHE B 418 -13.42 -1.24 -16.73
CA PHE B 418 -13.57 -1.98 -15.50
C PHE B 418 -12.93 -1.32 -14.30
N VAL B 419 -11.68 -0.87 -14.42
CA VAL B 419 -11.03 -0.24 -13.28
C VAL B 419 -11.56 1.16 -13.16
N MET B 420 -11.90 1.82 -14.28
CA MET B 420 -12.43 3.16 -14.13
C MET B 420 -13.74 3.16 -13.33
N SER B 421 -14.51 2.08 -13.36
CA SER B 421 -15.67 2.00 -12.52
C SER B 421 -15.35 2.19 -11.02
N ASN B 422 -14.21 1.73 -10.52
CA ASN B 422 -13.87 2.00 -9.14
C ASN B 422 -13.81 3.50 -8.87
N SER B 423 -13.05 4.19 -9.69
CA SER B 423 -12.82 5.63 -9.52
C SER B 423 -14.11 6.42 -9.62
N PHE B 424 -14.94 5.98 -10.53
CA PHE B 424 -16.15 6.70 -10.80
C PHE B 424 -17.32 6.37 -9.88
N THR B 425 -17.36 5.14 -9.37
CA THR B 425 -18.24 4.86 -8.27
C THR B 425 -17.89 5.73 -7.05
N ASN B 426 -16.59 5.80 -6.72
CA ASN B 426 -16.13 6.72 -5.68
C ASN B 426 -16.62 8.13 -5.96
N GLN B 427 -16.41 8.60 -7.19
CA GLN B 427 -16.79 9.96 -7.56
C GLN B 427 -18.26 10.16 -7.29
N THR B 428 -19.09 9.21 -7.69
CA THR B 428 -20.52 9.36 -7.60
C THR B 428 -20.94 9.45 -6.13
N LEU B 429 -20.32 8.60 -5.29
CA LEU B 429 -20.56 8.64 -3.85
C LEU B 429 -20.11 9.97 -3.26
N ALA B 430 -18.99 10.47 -3.72
CA ALA B 430 -18.51 11.72 -3.16
C ALA B 430 -19.46 12.86 -3.60
N GLN B 431 -19.86 12.88 -4.85
CA GLN B 431 -20.80 13.90 -5.27
C GLN B 431 -22.10 13.79 -4.43
N ILE B 432 -22.63 12.59 -4.20
CA ILE B 432 -23.86 12.41 -3.39
C ILE B 432 -23.66 12.97 -1.98
N GLU B 433 -22.53 12.65 -1.39
CA GLU B 433 -22.25 13.04 -0.02
C GLU B 433 -22.16 14.55 0.11
N LEU B 434 -21.46 15.22 -0.81
CA LEU B 434 -21.30 16.68 -0.68
C LEU B 434 -22.56 17.41 -1.04
N PHE B 435 -23.29 16.91 -2.00
CA PHE B 435 -24.51 17.60 -2.42
C PHE B 435 -25.58 17.50 -1.32
N THR B 436 -25.72 16.31 -0.75
CA THR B 436 -26.74 16.04 0.26
C THR B 436 -26.36 16.46 1.69
N ARG B 437 -25.08 16.47 2.02
CA ARG B 437 -24.65 16.67 3.39
C ARG B 437 -23.45 17.58 3.52
N GLY B 438 -23.20 18.41 2.52
CA GLY B 438 -21.98 19.21 2.47
C GLY B 438 -21.92 20.19 3.61
N GLY B 439 -23.10 20.57 4.11
CA GLY B 439 -23.21 21.44 5.25
C GLY B 439 -22.57 20.88 6.51
N GLU B 440 -22.44 19.56 6.58
CA GLU B 440 -21.76 18.88 7.67
C GLU B 440 -20.25 18.91 7.60
N TYR B 441 -19.71 19.38 6.47
CA TYR B 441 -18.27 19.35 6.25
C TYR B 441 -17.70 20.77 6.34
N ALA B 442 -16.47 20.85 6.83
CA ALA B 442 -15.71 22.09 6.90
C ALA B 442 -14.93 22.34 5.59
N ASN B 443 -14.24 23.47 5.50
CA ASN B 443 -13.46 23.75 4.31
C ASN B 443 -12.12 23.07 4.39
N LYS B 444 -12.18 21.77 4.19
CA LYS B 444 -11.06 20.87 4.32
C LYS B 444 -11.17 19.81 3.22
N VAL B 445 -10.07 19.10 3.00
CA VAL B 445 -10.05 17.94 2.15
C VAL B 445 -10.38 16.68 2.98
N TYR B 446 -11.37 15.94 2.53
CA TYR B 446 -11.78 14.70 3.17
C TYR B 446 -11.59 13.52 2.24
N VAL B 447 -11.47 12.34 2.82
CA VAL B 447 -11.54 11.08 2.05
C VAL B 447 -12.83 10.38 2.46
N LEU B 448 -13.43 9.61 1.57
CA LEU B 448 -14.57 8.81 1.89
C LEU B 448 -14.25 7.80 3.02
N PRO B 449 -15.24 7.51 3.86
CA PRO B 449 -15.06 6.56 4.96
C PRO B 449 -14.85 5.16 4.45
N LYS B 450 -14.10 4.39 5.22
CA LYS B 450 -13.68 3.08 4.80
C LYS B 450 -14.83 2.18 4.40
N HIS B 451 -16.00 2.31 5.04
CA HIS B 451 -17.09 1.42 4.72
C HIS B 451 -17.56 1.59 3.27
N LEU B 452 -17.44 2.80 2.74
CA LEU B 452 -17.86 3.11 1.38
C LEU B 452 -16.80 2.65 0.38
N ASP B 453 -15.54 2.78 0.78
CA ASP B 453 -14.41 2.33 0.00
C ASP B 453 -14.57 0.82 -0.18
N GLU B 454 -14.80 0.11 0.95
CA GLU B 454 -15.08 -1.31 0.92
C GLU B 454 -16.31 -1.61 0.03
N LYS B 455 -17.36 -0.79 0.09
CA LYS B 455 -18.55 -1.06 -0.74
C LYS B 455 -18.17 -1.02 -2.21
N VAL B 456 -17.34 -0.04 -2.57
CA VAL B 456 -16.97 0.16 -3.97
C VAL B 456 -16.31 -1.12 -4.47
N ALA B 457 -15.39 -1.65 -3.70
CA ALA B 457 -14.71 -2.85 -4.11
C ALA B 457 -15.70 -4.01 -4.18
N ARG B 458 -16.57 -4.12 -3.17
CA ARG B 458 -17.52 -5.21 -3.16
C ARG B 458 -18.37 -5.21 -4.39
N LEU B 459 -18.78 -4.03 -4.89
CA LEU B 459 -19.67 -4.01 -6.04
C LEU B 459 -19.05 -4.58 -7.32
N HIS B 460 -17.72 -4.71 -7.34
CA HIS B 460 -17.02 -5.20 -8.54
C HIS B 460 -16.68 -6.69 -8.52
N LEU B 461 -16.97 -7.38 -7.43
CA LEU B 461 -16.53 -8.74 -7.27
C LEU B 461 -17.29 -9.70 -8.15
N ALA B 462 -18.59 -9.47 -8.28
CA ALA B 462 -19.46 -10.34 -9.08
C ALA B 462 -19.10 -10.41 -10.58
N ARG B 463 -18.79 -9.26 -11.16
CA ARG B 463 -18.45 -9.26 -12.57
C ARG B 463 -17.35 -10.27 -12.85
N ILE B 464 -16.34 -10.32 -11.99
CA ILE B 464 -15.21 -11.20 -12.23
C ILE B 464 -15.21 -12.51 -11.44
N GLY B 465 -16.33 -12.85 -10.82
CA GLY B 465 -16.51 -14.16 -10.21
C GLY B 465 -15.81 -14.38 -8.89
N ALA B 466 -15.37 -13.31 -8.25
CA ALA B 466 -14.73 -13.43 -6.93
C ALA B 466 -15.77 -13.64 -5.83
N GLN B 467 -15.59 -14.69 -5.04
CA GLN B 467 -16.47 -15.06 -3.93
C GLN B 467 -15.96 -14.55 -2.60
N LEU B 468 -16.58 -13.53 -2.08
CA LEU B 468 -16.21 -13.03 -0.78
C LEU B 468 -16.65 -14.00 0.31
N SER B 469 -15.81 -14.20 1.33
CA SER B 469 -16.13 -15.04 2.47
C SER B 469 -16.66 -14.16 3.57
N GLU B 470 -17.24 -14.83 4.56
CA GLU B 470 -17.85 -14.14 5.66
C GLU B 470 -17.24 -14.56 6.98
N LEU B 471 -16.94 -13.59 7.84
CA LEU B 471 -16.54 -13.89 9.20
C LEU B 471 -17.67 -14.58 9.99
N SER B 472 -17.30 -15.57 10.78
CA SER B 472 -18.18 -16.08 11.82
C SER B 472 -18.20 -15.05 12.95
N ASP B 473 -19.25 -15.10 13.75
CA ASP B 473 -19.32 -14.29 14.97
C ASP B 473 -18.02 -14.41 15.81
N ASP B 474 -17.57 -15.64 16.04
CA ASP B 474 -16.37 -15.88 16.83
C ASP B 474 -15.15 -15.19 16.20
N GLN B 475 -15.08 -15.28 14.88
CA GLN B 475 -13.98 -14.67 14.16
C GLN B 475 -14.05 -13.18 14.24
N ALA B 476 -15.26 -12.62 14.11
CA ALA B 476 -15.45 -11.18 14.17
C ALA B 476 -15.02 -10.63 15.53
N ALA B 477 -15.40 -11.36 16.59
CA ALA B 477 -15.02 -11.00 17.94
C ALA B 477 -13.50 -11.11 18.11
N TYR B 478 -12.92 -12.15 17.53
CA TYR B 478 -11.49 -12.46 17.72
C TYR B 478 -10.56 -11.41 17.10
N ILE B 479 -10.90 -10.89 15.91
CA ILE B 479 -10.10 -9.84 15.28
C ILE B 479 -10.68 -8.46 15.53
N GLY B 480 -11.78 -8.39 16.26
CA GLY B 480 -12.33 -7.12 16.66
C GLY B 480 -12.90 -6.25 15.55
N VAL B 481 -13.66 -6.86 14.67
CA VAL B 481 -14.38 -6.10 13.69
C VAL B 481 -15.80 -6.64 13.61
N SER B 482 -16.69 -5.83 13.10
CA SER B 482 -18.04 -6.29 12.74
C SER B 482 -18.07 -7.18 11.46
N LYS B 483 -18.99 -8.14 11.41
CA LYS B 483 -19.09 -9.03 10.26
C LYS B 483 -19.29 -8.27 8.97
N ALA B 484 -19.90 -7.09 9.10
CA ALA B 484 -20.24 -6.25 8.00
C ALA B 484 -19.09 -5.32 7.66
N GLY B 485 -18.03 -5.31 8.47
CA GLY B 485 -16.95 -4.38 8.26
C GLY B 485 -17.28 -3.03 8.88
N PRO B 486 -16.38 -2.05 8.78
CA PRO B 486 -15.10 -2.08 8.10
C PRO B 486 -14.09 -3.06 8.69
N PHE B 487 -13.25 -3.60 7.83
CA PHE B 487 -12.33 -4.67 8.20
C PHE B 487 -10.92 -4.20 8.60
N LYS B 488 -10.57 -2.96 8.37
CA LYS B 488 -9.19 -2.59 8.56
C LYS B 488 -9.15 -1.28 9.30
N PRO B 489 -8.07 -1.03 10.05
CA PRO B 489 -7.90 0.28 10.67
C PRO B 489 -7.64 1.36 9.64
N ASP B 490 -7.78 2.63 10.02
CA ASP B 490 -7.74 3.70 9.04
C ASP B 490 -6.37 3.95 8.44
N HIS B 491 -5.31 3.67 9.19
CA HIS B 491 -3.93 3.74 8.65
C HIS B 491 -3.55 2.52 7.79
N TYR B 492 -4.45 1.57 7.52
CA TYR B 492 -4.02 0.39 6.77
C TYR B 492 -3.67 0.75 5.33
N ARG B 493 -2.61 0.15 4.80
CA ARG B 493 -2.08 0.54 3.50
C ARG B 493 -2.49 -0.34 2.34
N TYR B 494 -3.04 -1.52 2.62
CA TYR B 494 -3.40 -2.48 1.58
C TYR B 494 -2.20 -2.79 0.68
#